data_3VNM
#
_entry.id   3VNM
#
_cell.length_a   79.924
_cell.length_b   115.225
_cell.length_c   91.614
_cell.angle_alpha   90.00
_cell.angle_beta   105.73
_cell.angle_gamma   90.00
#
_symmetry.space_group_name_H-M   'P 1 21 1'
#
loop_
_entity.id
_entity.type
_entity.pdbx_description
1 polymer 'Xylose isomerase domain protein TIM barrel'
2 non-polymer D-sorbose
3 non-polymer 'MANGANESE (II) ION'
4 water water
#
_entity_poly.entity_id   1
_entity_poly.type   'polypeptide(L)'
_entity_poly.pdbx_seq_one_letter_code
;MKHGIYYAYWEQEWEADYKYYIEKVAKLGFDILEIAASPLPFYSDIQINELKACAHGNGITLTVGHGPSAEQNLSSPDPD
IRKNAKAFYTDLLKRLYKLDVHLIGGALYSYWPIDYTKTIDKKGDWERSVESVREVAKVAEACGVDFCLEVLNRFENYLI
NTAQEGVDFVKQVDHNNVKVMLDTFHMNIEEDSIGGAIRTAGSYLGHLHTGECNRKVPGRGRIPWVEIGEALADIGYNGS
VVMEPFVRMGGTVGSNIKVWRDISNGADEKMLDREAQAALDFSRYVLECHKHS
;
_entity_poly.pdbx_strand_id   A,B,C,D
#
loop_
_chem_comp.id
_chem_comp.type
_chem_comp.name
_chem_comp.formula
MN non-polymer 'MANGANESE (II) ION' 'Mn 2'
SDD D-saccharide D-sorbose 'C6 H12 O6'
#
# COMPACT_ATOMS: atom_id res chain seq x y z
N MET A 1 -5.92 -24.14 -4.92
CA MET A 1 -7.02 -23.66 -4.04
C MET A 1 -8.42 -23.79 -4.67
N LYS A 2 -9.44 -23.88 -3.85
CA LYS A 2 -10.82 -23.97 -4.31
C LYS A 2 -11.48 -22.65 -4.00
N HIS A 3 -12.20 -22.08 -4.98
CA HIS A 3 -12.85 -20.79 -4.78
C HIS A 3 -14.38 -20.87 -4.77
N GLY A 4 -15.00 -20.20 -3.80
CA GLY A 4 -16.44 -20.16 -3.72
C GLY A 4 -16.98 -18.78 -3.48
N ILE A 5 -18.31 -18.69 -3.41
CA ILE A 5 -18.94 -17.42 -3.07
C ILE A 5 -20.13 -17.78 -2.19
N TYR A 6 -20.43 -16.90 -1.24
CA TYR A 6 -21.57 -17.06 -0.32
C TYR A 6 -22.85 -16.61 -1.09
N TYR A 7 -23.88 -17.45 -1.05
CA TYR A 7 -25.13 -17.21 -1.77
C TYR A 7 -25.77 -15.90 -1.38
N ALA A 8 -25.63 -15.53 -0.10
CA ALA A 8 -26.21 -14.29 0.38
C ALA A 8 -25.77 -13.02 -0.37
N TYR A 9 -24.80 -13.13 -1.25
CA TYR A 9 -24.38 -11.99 -2.04
C TYR A 9 -25.60 -11.54 -2.88
N TRP A 10 -26.51 -12.48 -3.14
CA TRP A 10 -27.70 -12.21 -3.98
C TRP A 10 -29.01 -12.17 -3.23
N GLU A 11 -28.98 -12.36 -1.93
CA GLU A 11 -30.18 -12.50 -1.18
C GLU A 11 -30.18 -11.74 0.11
N GLN A 12 -31.36 -11.43 0.60
CA GLN A 12 -31.46 -10.67 1.83
C GLN A 12 -31.89 -11.41 3.06
N GLU A 13 -32.07 -12.71 2.97
CA GLU A 13 -32.45 -13.46 4.16
C GLU A 13 -31.48 -14.61 4.29
N TRP A 14 -31.35 -15.15 5.49
CA TRP A 14 -30.43 -16.28 5.73
C TRP A 14 -30.96 -17.63 5.27
N GLU A 15 -31.52 -17.66 4.06
CA GLU A 15 -32.00 -18.89 3.41
C GLU A 15 -32.40 -18.55 1.97
N ALA A 16 -32.41 -19.54 1.10
CA ALA A 16 -32.80 -19.27 -0.27
C ALA A 16 -32.92 -20.59 -1.01
N ASP A 17 -33.19 -20.53 -2.30
CA ASP A 17 -33.23 -21.73 -3.11
C ASP A 17 -31.78 -22.02 -3.50
N TYR A 18 -31.06 -22.79 -2.69
CA TYR A 18 -29.65 -23.12 -2.96
C TYR A 18 -29.41 -23.78 -4.32
N LYS A 19 -30.36 -24.53 -4.82
CA LYS A 19 -30.18 -25.17 -6.12
C LYS A 19 -30.02 -24.12 -7.21
N TYR A 20 -30.86 -23.09 -7.18
CA TYR A 20 -30.75 -21.98 -8.14
C TYR A 20 -29.33 -21.41 -8.08
N TYR A 21 -28.82 -21.18 -6.89
CA TYR A 21 -27.46 -20.64 -6.77
C TYR A 21 -26.36 -21.61 -7.16
N ILE A 22 -26.60 -22.91 -6.98
CA ILE A 22 -25.60 -23.87 -7.39
C ILE A 22 -25.46 -23.82 -8.91
N GLU A 23 -26.59 -23.74 -9.61
CA GLU A 23 -26.53 -23.69 -11.08
C GLU A 23 -25.86 -22.39 -11.49
N LYS A 24 -26.19 -21.32 -10.80
CA LYS A 24 -25.59 -20.03 -11.16
C LYS A 24 -24.08 -20.02 -11.01
N VAL A 25 -23.56 -20.39 -9.84
CA VAL A 25 -22.12 -20.29 -9.62
C VAL A 25 -21.34 -21.23 -10.45
N ALA A 26 -21.95 -22.35 -10.79
CA ALA A 26 -21.28 -23.32 -11.62
C ALA A 26 -21.04 -22.72 -13.01
N LYS A 27 -22.04 -22.02 -13.54
CA LYS A 27 -21.84 -21.40 -14.86
C LYS A 27 -20.86 -20.24 -14.76
N LEU A 28 -20.75 -19.62 -13.59
CA LEU A 28 -19.81 -18.51 -13.46
C LEU A 28 -18.39 -19.05 -13.27
N GLY A 29 -18.27 -20.37 -13.01
CA GLY A 29 -16.95 -20.98 -12.88
C GLY A 29 -16.37 -21.21 -11.47
N PHE A 30 -17.17 -20.98 -10.45
CA PHE A 30 -16.77 -21.21 -9.05
C PHE A 30 -16.68 -22.70 -8.78
N ASP A 31 -15.86 -23.06 -7.78
CA ASP A 31 -15.74 -24.45 -7.38
C ASP A 31 -16.74 -24.68 -6.25
N ILE A 32 -16.94 -23.67 -5.42
CA ILE A 32 -17.80 -23.77 -4.25
C ILE A 32 -18.97 -22.82 -4.11
N LEU A 33 -20.07 -23.28 -3.53
CA LEU A 33 -21.15 -22.39 -3.19
C LEU A 33 -21.20 -22.53 -1.67
N GLU A 34 -21.21 -21.44 -0.93
CA GLU A 34 -21.32 -21.54 0.54
C GLU A 34 -22.75 -21.15 0.87
N ILE A 35 -23.42 -21.94 1.71
CA ILE A 35 -24.82 -21.71 2.07
C ILE A 35 -25.03 -21.52 3.56
N ALA A 36 -26.14 -20.88 3.93
CA ALA A 36 -26.47 -20.63 5.34
C ALA A 36 -27.09 -21.89 5.90
N ALA A 37 -26.70 -22.21 7.13
CA ALA A 37 -27.15 -23.42 7.82
C ALA A 37 -28.58 -23.36 8.30
N SER A 38 -28.99 -22.15 8.61
CA SER A 38 -30.31 -21.90 9.16
C SER A 38 -31.53 -22.66 8.62
N PRO A 39 -31.64 -22.87 7.29
CA PRO A 39 -32.87 -23.62 6.96
C PRO A 39 -32.67 -25.14 6.94
N LEU A 40 -31.43 -25.60 7.05
CA LEU A 40 -31.16 -27.02 6.97
C LEU A 40 -31.91 -27.94 7.90
N PRO A 41 -32.11 -27.52 9.17
CA PRO A 41 -32.84 -28.33 10.15
C PRO A 41 -34.29 -28.63 9.71
N PHE A 42 -34.74 -27.92 8.68
CA PHE A 42 -36.10 -28.10 8.20
C PHE A 42 -36.10 -28.72 6.82
N TYR A 43 -34.99 -29.35 6.45
CA TYR A 43 -34.94 -30.02 5.18
C TYR A 43 -35.26 -31.48 5.41
N SER A 44 -36.20 -32.03 4.64
CA SER A 44 -36.53 -33.46 4.80
C SER A 44 -35.42 -34.27 4.09
N ASP A 45 -35.39 -35.59 4.34
CA ASP A 45 -34.33 -36.42 3.75
C ASP A 45 -34.28 -36.28 2.26
N ILE A 46 -35.43 -36.22 1.59
CA ILE A 46 -35.33 -36.12 0.16
C ILE A 46 -34.90 -34.70 -0.27
N GLN A 47 -35.24 -33.67 0.50
CA GLN A 47 -34.78 -32.30 0.15
C GLN A 47 -33.27 -32.28 0.32
N ILE A 48 -32.74 -32.89 1.38
CA ILE A 48 -31.29 -32.96 1.53
C ILE A 48 -30.67 -33.69 0.34
N ASN A 49 -31.20 -34.83 -0.01
CA ASN A 49 -30.63 -35.58 -1.11
C ASN A 49 -30.70 -34.86 -2.45
N GLU A 50 -31.75 -34.11 -2.66
CA GLU A 50 -31.87 -33.37 -3.89
C GLU A 50 -30.81 -32.25 -3.97
N LEU A 51 -30.55 -31.58 -2.85
CA LEU A 51 -29.58 -30.49 -2.84
C LEU A 51 -28.18 -31.09 -3.12
N LYS A 52 -27.90 -32.22 -2.47
CA LYS A 52 -26.61 -32.90 -2.66
C LYS A 52 -26.40 -33.29 -4.10
N ALA A 53 -27.45 -33.84 -4.72
CA ALA A 53 -27.35 -34.30 -6.09
C ALA A 53 -27.15 -33.10 -7.03
N CYS A 54 -27.81 -32.00 -6.69
CA CYS A 54 -27.69 -30.81 -7.51
C CYS A 54 -26.22 -30.37 -7.45
N ALA A 55 -25.67 -30.25 -6.25
CA ALA A 55 -24.25 -29.86 -6.14
C ALA A 55 -23.32 -30.82 -6.94
N HIS A 56 -23.52 -32.13 -6.77
CA HIS A 56 -22.66 -33.09 -7.42
C HIS A 56 -22.78 -33.05 -8.94
N GLY A 57 -24.01 -33.03 -9.41
CA GLY A 57 -24.23 -32.96 -10.83
C GLY A 57 -23.64 -31.71 -11.46
N ASN A 58 -23.45 -30.66 -10.67
CA ASN A 58 -22.92 -29.42 -11.23
C ASN A 58 -21.44 -29.14 -10.95
N GLY A 59 -20.73 -30.14 -10.41
CA GLY A 59 -19.31 -29.97 -10.13
C GLY A 59 -19.07 -28.97 -9.01
N ILE A 60 -20.07 -28.76 -8.16
CA ILE A 60 -19.98 -27.82 -7.09
C ILE A 60 -19.88 -28.49 -5.73
N THR A 61 -19.00 -27.97 -4.89
CA THR A 61 -18.82 -28.44 -3.51
C THR A 61 -19.56 -27.44 -2.66
N LEU A 62 -20.29 -27.93 -1.68
CA LEU A 62 -21.01 -27.05 -0.79
C LEU A 62 -20.30 -26.88 0.56
N THR A 63 -20.20 -25.62 1.02
CA THR A 63 -19.67 -25.31 2.37
C THR A 63 -20.78 -24.55 3.11
N VAL A 64 -20.65 -24.47 4.42
CA VAL A 64 -21.68 -23.88 5.25
C VAL A 64 -21.23 -22.84 6.26
N GLY A 65 -21.98 -21.75 6.35
CA GLY A 65 -21.69 -20.73 7.32
C GLY A 65 -22.87 -20.62 8.28
N HIS A 66 -22.60 -20.18 9.52
CA HIS A 66 -23.70 -19.99 10.46
C HIS A 66 -23.48 -18.88 11.48
N GLY A 67 -24.50 -18.07 11.67
CA GLY A 67 -24.48 -17.02 12.67
C GLY A 67 -25.40 -17.60 13.75
N PRO A 68 -24.86 -18.16 14.85
CA PRO A 68 -25.73 -18.76 15.88
C PRO A 68 -26.66 -17.78 16.59
N SER A 69 -27.89 -18.24 16.87
CA SER A 69 -28.88 -17.43 17.60
C SER A 69 -28.46 -17.48 19.07
N ALA A 70 -29.11 -16.71 19.94
CA ALA A 70 -28.73 -16.71 21.37
C ALA A 70 -29.09 -18.03 22.00
N GLU A 71 -30.05 -18.72 21.43
CA GLU A 71 -30.48 -20.00 21.94
C GLU A 71 -29.55 -21.12 21.51
N GLN A 72 -28.59 -20.82 20.63
CA GLN A 72 -27.64 -21.85 20.17
C GLN A 72 -26.22 -21.56 20.67
N ASN A 73 -26.13 -20.73 21.70
CA ASN A 73 -24.88 -20.26 22.23
C ASN A 73 -24.11 -21.17 23.17
N LEU A 74 -23.20 -21.93 22.59
CA LEU A 74 -22.38 -22.87 23.33
C LEU A 74 -21.56 -22.28 24.49
N SER A 75 -21.39 -20.96 24.51
CA SER A 75 -20.62 -20.33 25.58
C SER A 75 -21.56 -19.83 26.69
N SER A 76 -22.86 -19.97 26.47
CA SER A 76 -23.83 -19.49 27.47
C SER A 76 -23.59 -19.96 28.90
N PRO A 77 -23.93 -19.11 29.87
CA PRO A 77 -23.74 -19.55 31.26
C PRO A 77 -24.97 -20.39 31.65
N ASP A 78 -26.08 -20.18 30.96
CA ASP A 78 -27.27 -20.98 31.21
C ASP A 78 -27.01 -22.40 30.71
N PRO A 79 -26.90 -23.38 31.61
CA PRO A 79 -26.65 -24.78 31.22
C PRO A 79 -27.71 -25.38 30.27
N ASP A 80 -28.95 -24.92 30.36
CA ASP A 80 -29.99 -25.44 29.47
C ASP A 80 -29.70 -25.02 28.04
N ILE A 81 -29.31 -23.74 27.88
CA ILE A 81 -28.99 -23.20 26.58
C ILE A 81 -27.87 -24.00 25.96
N ARG A 82 -26.79 -24.22 26.72
CA ARG A 82 -25.67 -24.98 26.23
C ARG A 82 -26.11 -26.36 25.78
N LYS A 83 -27.02 -26.96 26.56
CA LYS A 83 -27.54 -28.29 26.23
C LYS A 83 -28.33 -28.20 24.90
N ASN A 84 -29.20 -27.20 24.77
CA ASN A 84 -29.98 -27.05 23.54
C ASN A 84 -29.04 -26.83 22.35
N ALA A 85 -28.02 -26.00 22.57
CA ALA A 85 -27.02 -25.68 21.57
C ALA A 85 -26.30 -26.94 21.12
N LYS A 86 -25.87 -27.76 22.08
CA LYS A 86 -25.16 -28.99 21.70
C LYS A 86 -26.07 -29.86 20.86
N ALA A 87 -27.34 -29.94 21.25
CA ALA A 87 -28.30 -30.75 20.49
C ALA A 87 -28.58 -30.15 19.11
N PHE A 88 -28.57 -28.83 19.01
CA PHE A 88 -28.82 -28.17 17.72
C PHE A 88 -27.66 -28.51 16.78
N TYR A 89 -26.45 -28.35 17.29
CA TYR A 89 -25.29 -28.66 16.46
C TYR A 89 -25.19 -30.13 16.10
N THR A 90 -25.49 -31.00 17.08
CA THR A 90 -25.41 -32.42 16.83
C THR A 90 -26.30 -32.81 15.67
N ASP A 91 -27.54 -32.33 15.69
CA ASP A 91 -28.47 -32.62 14.63
C ASP A 91 -27.99 -32.02 13.31
N LEU A 92 -27.52 -30.77 13.36
CA LEU A 92 -27.05 -30.07 12.16
C LEU A 92 -25.90 -30.80 11.50
N LEU A 93 -24.93 -31.21 12.32
CA LEU A 93 -23.78 -31.92 11.80
C LEU A 93 -24.21 -33.24 11.14
N LYS A 94 -25.18 -33.92 11.73
CA LYS A 94 -25.61 -35.15 11.10
C LYS A 94 -26.29 -34.81 9.75
N ARG A 95 -26.92 -33.65 9.66
CA ARG A 95 -27.56 -33.26 8.40
C ARG A 95 -26.49 -32.94 7.35
N LEU A 96 -25.40 -32.30 7.78
CA LEU A 96 -24.27 -32.00 6.88
C LEU A 96 -23.71 -33.32 6.37
N TYR A 97 -23.67 -34.31 7.26
CA TYR A 97 -23.18 -35.60 6.84
C TYR A 97 -24.07 -36.13 5.70
N LYS A 98 -25.38 -36.05 5.86
CA LYS A 98 -26.26 -36.50 4.76
C LYS A 98 -26.06 -35.63 3.48
N LEU A 99 -25.62 -34.37 3.66
CA LEU A 99 -25.43 -33.50 2.52
C LEU A 99 -24.10 -33.70 1.81
N ASP A 100 -23.18 -34.44 2.41
CA ASP A 100 -21.84 -34.65 1.86
C ASP A 100 -21.05 -33.32 1.97
N VAL A 101 -21.36 -32.56 3.03
CA VAL A 101 -20.70 -31.29 3.36
C VAL A 101 -19.69 -31.62 4.48
N HIS A 102 -18.48 -31.09 4.36
CA HIS A 102 -17.41 -31.38 5.31
C HIS A 102 -16.78 -30.13 5.94
N LEU A 103 -17.47 -29.00 5.88
CA LEU A 103 -16.96 -27.80 6.48
C LEU A 103 -18.06 -26.85 6.88
N ILE A 104 -18.03 -26.41 8.14
CA ILE A 104 -18.99 -25.44 8.62
C ILE A 104 -18.14 -24.34 9.31
N GLY A 105 -18.57 -23.09 9.20
CA GLY A 105 -17.77 -22.03 9.77
C GLY A 105 -18.59 -20.89 10.26
N GLY A 106 -17.92 -20.01 10.99
CA GLY A 106 -18.53 -18.81 11.56
C GLY A 106 -18.27 -18.68 13.07
N ALA A 107 -19.10 -17.92 13.76
CA ALA A 107 -18.94 -17.70 15.19
C ALA A 107 -19.52 -18.88 15.93
N LEU A 108 -19.07 -20.07 15.59
CA LEU A 108 -19.61 -21.29 16.19
C LEU A 108 -19.32 -21.48 17.68
N TYR A 109 -18.40 -20.68 18.22
CA TYR A 109 -17.99 -20.73 19.61
C TYR A 109 -18.78 -19.73 20.42
N SER A 110 -19.75 -19.06 19.80
CA SER A 110 -20.52 -18.04 20.48
C SER A 110 -21.92 -17.96 19.79
N TYR A 111 -22.40 -16.74 19.52
CA TYR A 111 -23.64 -16.53 18.77
C TYR A 111 -23.42 -15.21 18.00
N TRP A 112 -24.30 -14.84 17.08
CA TRP A 112 -24.10 -13.65 16.23
C TRP A 112 -25.40 -13.29 15.53
N PRO A 113 -25.73 -12.01 15.45
CA PRO A 113 -24.96 -10.89 16.00
C PRO A 113 -25.07 -10.83 17.52
N ILE A 114 -24.11 -10.17 18.16
CA ILE A 114 -24.10 -10.07 19.60
C ILE A 114 -24.94 -8.91 20.11
N ASP A 115 -25.65 -9.15 21.20
CA ASP A 115 -26.44 -8.11 21.82
C ASP A 115 -25.49 -7.48 22.82
N TYR A 116 -24.96 -6.32 22.48
CA TYR A 116 -24.03 -5.63 23.36
C TYR A 116 -24.76 -4.81 24.42
N THR A 117 -25.98 -5.24 24.71
CA THR A 117 -26.81 -4.61 25.72
C THR A 117 -26.60 -5.40 26.98
N LYS A 118 -26.15 -6.65 26.82
CA LYS A 118 -25.86 -7.54 27.93
C LYS A 118 -24.43 -7.26 28.40
N THR A 119 -24.14 -7.52 29.68
CA THR A 119 -22.80 -7.30 30.22
C THR A 119 -21.91 -8.45 29.79
N ILE A 120 -20.69 -8.13 29.40
CA ILE A 120 -19.75 -9.14 28.96
C ILE A 120 -19.02 -9.83 30.08
N ASP A 121 -18.84 -11.13 29.93
CA ASP A 121 -18.08 -11.97 30.85
C ASP A 121 -17.21 -12.80 29.91
N LYS A 122 -16.11 -12.20 29.45
CA LYS A 122 -15.26 -12.88 28.49
C LYS A 122 -14.63 -14.15 29.00
N LYS A 123 -13.97 -14.06 30.13
CA LYS A 123 -13.29 -15.21 30.72
C LYS A 123 -14.25 -16.38 30.97
N GLY A 124 -15.40 -16.09 31.56
CA GLY A 124 -16.38 -17.12 31.82
C GLY A 124 -16.87 -17.74 30.51
N ASP A 125 -17.22 -16.88 29.54
CA ASP A 125 -17.71 -17.32 28.24
C ASP A 125 -16.66 -18.14 27.48
N TRP A 126 -15.41 -17.67 27.54
CA TRP A 126 -14.31 -18.34 26.88
C TRP A 126 -14.14 -19.80 27.34
N GLU A 127 -14.08 -19.99 28.66
CA GLU A 127 -13.91 -21.32 29.23
C GLU A 127 -15.12 -22.20 28.95
N ARG A 128 -16.33 -21.69 29.10
CA ARG A 128 -17.48 -22.53 28.79
C ARG A 128 -17.42 -22.93 27.32
N SER A 129 -17.11 -21.95 26.45
CA SER A 129 -17.02 -22.21 25.02
C SER A 129 -15.99 -23.29 24.67
N VAL A 130 -14.78 -23.17 25.21
CA VAL A 130 -13.76 -24.18 24.94
C VAL A 130 -14.29 -25.59 25.27
N GLU A 131 -15.02 -25.70 26.37
CA GLU A 131 -15.57 -26.99 26.81
C GLU A 131 -16.61 -27.48 25.84
N SER A 132 -17.58 -26.62 25.57
CA SER A 132 -18.64 -26.98 24.65
C SER A 132 -18.10 -27.34 23.26
N VAL A 133 -17.15 -26.55 22.75
CA VAL A 133 -16.64 -26.83 21.41
C VAL A 133 -15.93 -28.17 21.37
N ARG A 134 -15.21 -28.48 22.45
CA ARG A 134 -14.53 -29.76 22.56
C ARG A 134 -15.49 -30.91 22.29
N GLU A 135 -16.63 -30.92 22.99
CA GLU A 135 -17.49 -32.04 22.73
C GLU A 135 -18.26 -31.97 21.44
N VAL A 136 -18.49 -30.78 20.89
CA VAL A 136 -19.19 -30.73 19.62
C VAL A 136 -18.20 -31.24 18.57
N ALA A 137 -16.94 -30.94 18.79
CA ALA A 137 -15.90 -31.36 17.86
C ALA A 137 -15.96 -32.88 17.63
N LYS A 138 -16.21 -33.60 18.71
CA LYS A 138 -16.26 -35.06 18.66
C LYS A 138 -17.36 -35.46 17.68
N VAL A 139 -18.50 -34.76 17.72
CA VAL A 139 -19.59 -35.07 16.80
C VAL A 139 -19.21 -34.73 15.33
N ALA A 140 -18.60 -33.56 15.12
CA ALA A 140 -18.23 -33.16 13.76
C ALA A 140 -17.28 -34.17 13.18
N GLU A 141 -16.29 -34.54 13.99
CA GLU A 141 -15.32 -35.51 13.58
C GLU A 141 -15.95 -36.77 13.02
N ALA A 142 -16.89 -37.32 13.78
CA ALA A 142 -17.57 -38.52 13.34
C ALA A 142 -18.41 -38.25 12.09
N CYS A 143 -18.73 -36.99 11.82
CA CYS A 143 -19.54 -36.66 10.66
C CYS A 143 -18.71 -36.28 9.47
N GLY A 144 -17.39 -36.24 9.66
CA GLY A 144 -16.48 -35.86 8.60
C GLY A 144 -16.50 -34.36 8.32
N VAL A 145 -16.77 -33.57 9.35
CA VAL A 145 -16.84 -32.14 9.20
C VAL A 145 -15.81 -31.30 9.96
N ASP A 146 -15.08 -30.47 9.23
CA ASP A 146 -14.15 -29.55 9.88
C ASP A 146 -15.01 -28.42 10.45
N PHE A 147 -14.76 -28.12 11.73
CA PHE A 147 -15.46 -27.10 12.52
C PHE A 147 -14.57 -25.85 12.53
N CYS A 148 -14.91 -24.85 11.74
CA CYS A 148 -14.05 -23.67 11.68
C CYS A 148 -14.51 -22.50 12.49
N LEU A 149 -13.62 -21.99 13.36
CA LEU A 149 -13.97 -20.91 14.24
C LEU A 149 -13.49 -19.62 13.63
N GLU A 150 -14.44 -18.78 13.23
CA GLU A 150 -14.08 -17.53 12.55
C GLU A 150 -13.72 -16.38 13.47
N VAL A 151 -12.55 -15.78 13.22
CA VAL A 151 -12.07 -14.64 13.99
C VAL A 151 -12.85 -13.39 13.53
N LEU A 152 -13.56 -12.71 14.43
CA LEU A 152 -14.33 -11.54 14.03
C LEU A 152 -13.90 -10.23 14.65
N ASN A 153 -14.35 -9.12 14.06
CA ASN A 153 -13.98 -7.85 14.62
C ASN A 153 -14.77 -7.61 15.93
N ARG A 154 -14.22 -6.71 16.74
CA ARG A 154 -14.75 -6.35 18.05
C ARG A 154 -16.23 -5.95 18.02
N PHE A 155 -16.72 -5.37 16.93
CA PHE A 155 -18.14 -4.96 16.93
C PHE A 155 -19.07 -6.16 16.71
N GLU A 156 -18.52 -7.33 16.44
CA GLU A 156 -19.38 -8.47 16.15
C GLU A 156 -19.15 -9.66 17.06
N ASN A 157 -18.21 -9.56 17.98
CA ASN A 157 -17.85 -10.67 18.87
C ASN A 157 -16.79 -10.14 19.86
N TYR A 158 -16.78 -10.66 21.08
CA TYR A 158 -15.79 -10.20 22.05
C TYR A 158 -14.81 -11.29 22.49
N LEU A 159 -15.05 -12.54 22.10
CA LEU A 159 -14.17 -13.65 22.46
C LEU A 159 -12.90 -13.84 21.61
N ILE A 160 -13.06 -13.80 20.28
CA ILE A 160 -11.93 -14.03 19.40
C ILE A 160 -11.89 -12.95 18.30
N ASN A 161 -11.01 -11.97 18.53
CA ASN A 161 -10.82 -10.82 17.66
C ASN A 161 -9.57 -10.80 16.77
N THR A 162 -8.59 -11.68 17.01
CA THR A 162 -7.32 -11.72 16.25
C THR A 162 -6.96 -13.17 16.01
N ALA A 163 -6.13 -13.39 15.01
CA ALA A 163 -5.68 -14.72 14.64
C ALA A 163 -4.98 -15.36 15.85
N GLN A 164 -4.20 -14.57 16.56
CA GLN A 164 -3.52 -15.06 17.76
C GLN A 164 -4.56 -15.59 18.75
N GLU A 165 -5.63 -14.84 19.00
CA GLU A 165 -6.68 -15.33 19.91
C GLU A 165 -7.33 -16.61 19.38
N GLY A 166 -7.54 -16.67 18.06
CA GLY A 166 -8.14 -17.85 17.48
C GLY A 166 -7.24 -19.05 17.64
N VAL A 167 -5.93 -18.83 17.55
CA VAL A 167 -4.99 -19.93 17.71
C VAL A 167 -4.96 -20.38 19.17
N ASP A 168 -4.92 -19.43 20.09
CA ASP A 168 -4.95 -19.78 21.51
C ASP A 168 -6.19 -20.64 21.80
N PHE A 169 -7.36 -20.11 21.43
CA PHE A 169 -8.61 -20.83 21.66
C PHE A 169 -8.59 -22.24 21.03
N VAL A 170 -8.14 -22.35 19.79
CA VAL A 170 -8.10 -23.63 19.12
C VAL A 170 -7.11 -24.63 19.74
N LYS A 171 -5.95 -24.14 20.17
CA LYS A 171 -4.99 -25.02 20.82
C LYS A 171 -5.62 -25.57 22.11
N GLN A 172 -6.34 -24.71 22.82
CA GLN A 172 -7.01 -25.15 24.05
C GLN A 172 -8.04 -26.23 23.74
N VAL A 173 -8.85 -26.02 22.70
CA VAL A 173 -9.83 -27.01 22.34
C VAL A 173 -9.06 -28.30 22.10
N ASP A 174 -8.01 -28.22 21.29
CA ASP A 174 -7.18 -29.41 21.08
C ASP A 174 -7.88 -30.59 20.40
N HIS A 175 -8.40 -30.33 19.20
CA HIS A 175 -9.07 -31.34 18.40
C HIS A 175 -8.70 -31.05 16.96
N ASN A 176 -8.16 -32.05 16.27
CA ASN A 176 -7.72 -31.88 14.88
C ASN A 176 -8.71 -31.36 13.88
N ASN A 177 -10.00 -31.60 14.08
CA ASN A 177 -10.95 -31.10 13.10
C ASN A 177 -11.53 -29.75 13.46
N VAL A 178 -10.97 -29.11 14.48
CA VAL A 178 -11.42 -27.78 14.87
C VAL A 178 -10.35 -26.85 14.35
N LYS A 179 -10.78 -25.82 13.62
CA LYS A 179 -9.84 -24.90 12.99
C LYS A 179 -10.09 -23.41 13.15
N VAL A 180 -9.07 -22.64 12.80
CA VAL A 180 -9.16 -21.19 12.82
C VAL A 180 -9.60 -20.80 11.40
N MET A 181 -10.46 -19.80 11.32
CA MET A 181 -10.95 -19.34 10.02
C MET A 181 -10.69 -17.85 10.03
N LEU A 182 -10.08 -17.32 8.99
CA LEU A 182 -9.85 -15.86 8.95
C LEU A 182 -10.74 -15.26 7.85
N ASP A 183 -10.89 -13.94 7.90
CA ASP A 183 -11.75 -13.22 6.98
C ASP A 183 -11.10 -11.85 6.73
N THR A 184 -10.77 -11.57 5.47
CA THR A 184 -10.11 -10.32 5.12
C THR A 184 -10.79 -9.11 5.67
N PHE A 185 -12.12 -9.07 5.66
CA PHE A 185 -12.85 -7.94 6.19
C PHE A 185 -12.63 -7.69 7.73
N HIS A 186 -12.50 -8.79 8.49
CA HIS A 186 -12.32 -8.68 9.94
C HIS A 186 -10.86 -8.44 10.32
N MET A 187 -9.95 -8.98 9.52
CA MET A 187 -8.54 -8.80 9.78
C MET A 187 -8.23 -7.33 9.52
N ASN A 188 -8.84 -6.79 8.46
CA ASN A 188 -8.63 -5.39 8.09
C ASN A 188 -8.84 -4.47 9.27
N ILE A 189 -9.67 -4.89 10.20
CA ILE A 189 -9.94 -4.03 11.33
C ILE A 189 -9.00 -4.27 12.51
N GLU A 190 -8.92 -5.52 12.95
CA GLU A 190 -8.17 -5.86 14.15
C GLU A 190 -6.68 -6.22 14.11
N GLU A 191 -6.19 -6.70 12.96
CA GLU A 191 -4.80 -7.12 12.82
C GLU A 191 -3.75 -6.04 12.59
N ASP A 192 -2.55 -6.22 13.18
CA ASP A 192 -1.46 -5.27 12.95
C ASP A 192 -0.91 -5.63 11.56
N SER A 193 -0.86 -6.92 11.27
CA SER A 193 -0.32 -7.35 10.00
C SER A 193 -1.21 -8.38 9.33
N ILE A 194 -1.56 -8.17 8.06
CA ILE A 194 -2.42 -9.14 7.37
C ILE A 194 -1.62 -10.42 7.14
N GLY A 195 -0.47 -10.28 6.51
CA GLY A 195 0.36 -11.45 6.26
C GLY A 195 0.76 -12.08 7.60
N GLY A 196 1.03 -11.21 8.58
CA GLY A 196 1.41 -11.69 9.91
C GLY A 196 0.32 -12.60 10.49
N ALA A 197 -0.93 -12.17 10.37
CA ALA A 197 -2.07 -12.90 10.89
C ALA A 197 -2.18 -14.27 10.26
N ILE A 198 -2.02 -14.30 8.95
CA ILE A 198 -2.12 -15.53 8.21
C ILE A 198 -1.02 -16.47 8.66
N ARG A 199 0.20 -15.95 8.75
CA ARG A 199 1.31 -16.79 9.19
C ARG A 199 1.07 -17.21 10.64
N THR A 200 0.42 -16.38 11.43
CA THR A 200 0.14 -16.81 12.79
C THR A 200 -0.84 -18.00 12.76
N ALA A 201 -1.90 -17.93 11.95
CA ALA A 201 -2.84 -19.04 11.91
C ALA A 201 -2.13 -20.32 11.42
N GLY A 202 -1.24 -20.14 10.45
CA GLY A 202 -0.47 -21.25 9.90
C GLY A 202 -1.23 -22.54 9.62
N SER A 203 -0.74 -23.63 10.21
CA SER A 203 -1.36 -24.93 10.02
C SER A 203 -2.74 -25.00 10.59
N TYR A 204 -3.12 -24.06 11.44
CA TYR A 204 -4.47 -24.13 11.97
C TYR A 204 -5.52 -23.45 11.08
N LEU A 205 -5.08 -22.82 10.00
CA LEU A 205 -6.03 -22.10 9.14
C LEU A 205 -6.83 -23.12 8.38
N GLY A 206 -8.14 -23.15 8.56
CA GLY A 206 -8.92 -24.14 7.84
C GLY A 206 -9.93 -23.61 6.87
N HIS A 207 -10.12 -22.29 6.84
CA HIS A 207 -11.08 -21.71 5.92
C HIS A 207 -10.81 -20.22 5.83
N LEU A 208 -11.08 -19.63 4.66
CA LEU A 208 -10.84 -18.18 4.46
C LEU A 208 -11.99 -17.50 3.68
N HIS A 209 -12.49 -16.43 4.26
CA HIS A 209 -13.55 -15.59 3.66
C HIS A 209 -12.86 -14.34 3.10
N THR A 210 -13.32 -13.90 1.93
CA THR A 210 -12.76 -12.71 1.36
C THR A 210 -13.82 -11.64 1.08
N GLY A 211 -13.36 -10.40 1.08
CA GLY A 211 -14.21 -9.26 0.83
C GLY A 211 -13.32 -8.05 1.01
N GLU A 212 -13.70 -6.92 0.43
CA GLU A 212 -12.92 -5.71 0.59
C GLU A 212 -13.24 -5.14 1.96
N CYS A 213 -12.57 -4.03 2.30
CA CYS A 213 -12.71 -3.38 3.60
C CYS A 213 -14.16 -3.04 3.89
N ASN A 214 -14.91 -2.67 2.85
CA ASN A 214 -16.30 -2.36 3.06
C ASN A 214 -17.26 -3.45 2.54
N ARG A 215 -16.68 -4.62 2.29
CA ARG A 215 -17.44 -5.82 1.90
C ARG A 215 -17.84 -5.90 0.43
N LYS A 216 -17.15 -5.13 -0.40
CA LYS A 216 -17.38 -5.18 -1.83
C LYS A 216 -16.65 -6.41 -2.33
N VAL A 217 -16.90 -6.82 -3.60
CA VAL A 217 -16.23 -8.02 -4.12
C VAL A 217 -14.74 -7.76 -4.14
N PRO A 218 -13.96 -8.80 -3.91
CA PRO A 218 -12.49 -8.68 -3.90
C PRO A 218 -11.81 -8.19 -5.18
N GLY A 219 -10.87 -7.25 -5.00
CA GLY A 219 -10.09 -6.74 -6.10
C GLY A 219 -10.00 -5.25 -6.34
N ARG A 220 -11.06 -4.49 -6.13
CA ARG A 220 -10.99 -3.08 -6.43
C ARG A 220 -10.88 -2.17 -5.20
N GLY A 221 -10.72 -2.76 -4.01
CA GLY A 221 -10.58 -1.98 -2.79
C GLY A 221 -9.16 -1.93 -2.23
N ARG A 222 -9.02 -1.73 -0.92
CA ARG A 222 -7.70 -1.60 -0.32
C ARG A 222 -7.05 -2.85 0.29
N ILE A 223 -7.79 -3.94 0.37
CA ILE A 223 -7.23 -5.17 0.93
C ILE A 223 -5.94 -5.59 0.25
N PRO A 224 -4.89 -5.91 1.02
CA PRO A 224 -3.64 -6.31 0.38
C PRO A 224 -3.60 -7.74 -0.23
N TRP A 225 -4.37 -7.96 -1.30
CA TRP A 225 -4.46 -9.28 -1.92
C TRP A 225 -3.12 -9.95 -2.25
N VAL A 226 -2.17 -9.20 -2.80
CA VAL A 226 -0.88 -9.79 -3.13
C VAL A 226 -0.16 -10.26 -1.86
N GLU A 227 -0.26 -9.47 -0.79
CA GLU A 227 0.38 -9.83 0.49
C GLU A 227 -0.30 -11.12 1.00
N ILE A 228 -1.63 -11.16 0.86
CA ILE A 228 -2.37 -12.34 1.29
C ILE A 228 -1.94 -13.59 0.52
N GLY A 229 -1.88 -13.49 -0.82
CA GLY A 229 -1.44 -14.64 -1.60
C GLY A 229 -0.06 -15.15 -1.19
N GLU A 230 0.89 -14.23 -0.96
CA GLU A 230 2.22 -14.65 -0.54
C GLU A 230 2.16 -15.39 0.79
N ALA A 231 1.44 -14.84 1.76
CA ALA A 231 1.38 -15.47 3.06
C ALA A 231 0.68 -16.86 3.04
N LEU A 232 -0.32 -17.02 2.17
CA LEU A 232 -1.02 -18.29 2.06
C LEU A 232 0.00 -19.28 1.53
N ALA A 233 0.84 -18.82 0.61
CA ALA A 233 1.82 -19.70 0.03
C ALA A 233 2.83 -20.08 1.13
N ASP A 234 3.28 -19.11 1.91
CA ASP A 234 4.24 -19.44 2.97
C ASP A 234 3.71 -20.50 3.93
N ILE A 235 2.42 -20.48 4.25
CA ILE A 235 1.91 -21.50 5.18
C ILE A 235 1.39 -22.71 4.42
N GLY A 236 1.58 -22.72 3.10
CA GLY A 236 1.14 -23.84 2.29
C GLY A 236 -0.37 -24.06 2.29
N TYR A 237 -1.15 -22.98 2.41
CA TYR A 237 -2.60 -23.14 2.45
C TYR A 237 -3.12 -23.70 1.14
N ASN A 238 -3.93 -24.72 1.21
CA ASN A 238 -4.45 -25.31 -0.02
C ASN A 238 -5.95 -25.44 0.08
N GLY A 239 -6.49 -24.94 1.19
CA GLY A 239 -7.92 -24.98 1.44
C GLY A 239 -8.78 -24.11 0.54
N SER A 240 -9.95 -23.77 1.05
CA SER A 240 -10.87 -23.00 0.27
C SER A 240 -10.89 -21.51 0.61
N VAL A 241 -11.29 -20.74 -0.40
CA VAL A 241 -11.37 -19.29 -0.29
C VAL A 241 -12.74 -18.90 -0.80
N VAL A 242 -13.57 -18.44 0.12
CA VAL A 242 -14.91 -18.03 -0.18
C VAL A 242 -15.14 -16.56 -0.03
N MET A 243 -15.42 -15.89 -1.14
CA MET A 243 -15.70 -14.46 -1.08
C MET A 243 -17.13 -14.31 -0.54
N GLU A 244 -17.27 -13.33 0.32
CA GLU A 244 -18.50 -13.07 1.01
C GLU A 244 -18.91 -11.59 0.83
N PRO A 245 -19.19 -11.20 -0.42
CA PRO A 245 -19.57 -9.80 -0.59
C PRO A 245 -21.02 -9.49 -0.15
N PHE A 246 -21.21 -8.30 0.42
CA PHE A 246 -22.51 -7.84 0.89
C PHE A 246 -22.62 -6.42 0.37
N VAL A 247 -23.31 -6.23 -0.76
CA VAL A 247 -23.42 -4.91 -1.31
C VAL A 247 -24.84 -4.34 -1.37
N ARG A 248 -25.80 -5.04 -0.78
CA ARG A 248 -27.19 -4.59 -0.80
C ARG A 248 -27.89 -4.37 0.53
N MET A 249 -28.73 -3.32 0.59
CA MET A 249 -29.53 -2.96 1.78
C MET A 249 -30.77 -3.83 1.88
N GLY A 250 -31.38 -3.88 3.06
CA GLY A 250 -32.60 -4.63 3.22
C GLY A 250 -32.55 -6.03 3.81
N GLY A 251 -33.63 -6.34 4.51
CA GLY A 251 -33.80 -7.65 5.12
C GLY A 251 -32.88 -7.92 6.30
N THR A 252 -32.95 -9.15 6.78
CA THR A 252 -32.17 -9.57 7.92
C THR A 252 -30.67 -9.52 7.63
N VAL A 253 -30.32 -9.81 6.38
CA VAL A 253 -28.94 -9.79 5.93
C VAL A 253 -28.45 -8.32 5.94
N GLY A 254 -29.22 -7.41 5.33
CA GLY A 254 -28.82 -6.02 5.30
C GLY A 254 -28.67 -5.45 6.71
N SER A 255 -29.62 -5.80 7.55
CA SER A 255 -29.63 -5.39 8.92
C SER A 255 -28.47 -6.04 9.70
N ASN A 256 -28.28 -7.36 9.58
CA ASN A 256 -27.20 -7.99 10.35
C ASN A 256 -25.80 -7.50 9.93
N ILE A 257 -25.57 -7.37 8.62
CA ILE A 257 -24.30 -6.95 8.08
C ILE A 257 -24.13 -5.43 8.18
N LYS A 258 -25.23 -4.73 8.45
CA LYS A 258 -25.27 -3.27 8.60
C LYS A 258 -24.85 -2.49 7.36
N VAL A 259 -25.60 -2.77 6.29
CA VAL A 259 -25.42 -2.12 5.01
C VAL A 259 -26.45 -1.00 5.04
N TRP A 260 -25.99 0.22 5.19
CA TRP A 260 -26.92 1.31 5.32
C TRP A 260 -26.94 2.23 4.12
N ARG A 261 -26.38 1.78 3.01
CA ARG A 261 -26.37 2.55 1.76
C ARG A 261 -26.24 1.52 0.68
N ASP A 262 -26.70 1.86 -0.53
CA ASP A 262 -26.63 0.93 -1.65
C ASP A 262 -25.23 0.83 -2.22
N ILE A 263 -24.44 -0.02 -1.61
CA ILE A 263 -23.07 -0.22 -2.03
C ILE A 263 -22.99 -0.83 -3.44
N SER A 264 -24.06 -1.48 -3.85
CA SER A 264 -24.14 -2.13 -5.15
C SER A 264 -24.39 -1.17 -6.31
N ASN A 265 -24.64 0.09 -6.01
CA ASN A 265 -24.92 1.06 -7.07
C ASN A 265 -25.99 0.60 -8.07
N GLY A 266 -27.17 0.26 -7.57
CA GLY A 266 -28.22 -0.16 -8.46
C GLY A 266 -27.96 -1.41 -9.30
N ALA A 267 -26.94 -2.20 -8.99
CA ALA A 267 -26.69 -3.40 -9.76
C ALA A 267 -27.90 -4.34 -9.82
N ASP A 268 -28.17 -4.90 -10.99
CA ASP A 268 -29.25 -5.88 -11.09
C ASP A 268 -28.60 -7.24 -11.00
N GLU A 269 -29.39 -8.29 -11.08
CA GLU A 269 -28.81 -9.61 -10.94
C GLU A 269 -27.66 -9.92 -11.87
N LYS A 270 -27.84 -9.69 -13.18
CA LYS A 270 -26.77 -9.98 -14.12
C LYS A 270 -25.50 -9.14 -13.88
N MET A 271 -25.70 -7.94 -13.38
CA MET A 271 -24.58 -7.06 -13.08
C MET A 271 -23.79 -7.69 -11.87
N LEU A 272 -24.54 -8.14 -10.88
CA LEU A 272 -23.98 -8.77 -9.68
C LEU A 272 -23.18 -10.02 -10.11
N ASP A 273 -23.74 -10.78 -11.05
CA ASP A 273 -23.08 -11.97 -11.54
C ASP A 273 -21.75 -11.65 -12.24
N ARG A 274 -21.76 -10.61 -13.06
CA ARG A 274 -20.54 -10.28 -13.80
C ARG A 274 -19.42 -9.89 -12.85
N GLU A 275 -19.78 -9.10 -11.84
CA GLU A 275 -18.82 -8.65 -10.81
C GLU A 275 -18.21 -9.84 -10.04
N ALA A 276 -19.06 -10.74 -9.61
CA ALA A 276 -18.57 -11.91 -8.88
C ALA A 276 -17.59 -12.67 -9.76
N GLN A 277 -17.98 -12.88 -11.01
CA GLN A 277 -17.10 -13.61 -11.91
C GLN A 277 -15.75 -12.90 -12.15
N ALA A 278 -15.80 -11.59 -12.34
CA ALA A 278 -14.54 -10.89 -12.52
C ALA A 278 -13.68 -11.08 -11.24
N ALA A 279 -14.33 -10.97 -10.08
CA ALA A 279 -13.67 -11.12 -8.80
C ALA A 279 -13.11 -12.55 -8.64
N LEU A 280 -13.82 -13.55 -9.18
CA LEU A 280 -13.33 -14.92 -9.13
C LEU A 280 -12.06 -14.95 -9.97
N ASP A 281 -12.13 -14.43 -11.18
CA ASP A 281 -10.94 -14.45 -12.04
C ASP A 281 -9.77 -13.79 -11.31
N PHE A 282 -10.02 -12.62 -10.72
CA PHE A 282 -8.98 -11.87 -10.00
C PHE A 282 -8.39 -12.71 -8.84
N SER A 283 -9.26 -13.31 -8.05
CA SER A 283 -8.87 -14.09 -6.89
C SER A 283 -7.97 -15.23 -7.30
N ARG A 284 -8.39 -15.93 -8.35
CA ARG A 284 -7.59 -17.05 -8.87
C ARG A 284 -6.28 -16.52 -9.40
N TYR A 285 -6.32 -15.38 -10.08
CA TYR A 285 -5.07 -14.84 -10.63
C TYR A 285 -4.10 -14.35 -9.55
N VAL A 286 -4.58 -13.53 -8.63
CA VAL A 286 -3.71 -12.96 -7.61
C VAL A 286 -3.38 -13.80 -6.39
N LEU A 287 -4.33 -14.59 -5.90
CA LEU A 287 -4.11 -15.36 -4.69
C LEU A 287 -3.32 -16.64 -4.75
N GLU A 288 -3.03 -17.16 -5.95
CA GLU A 288 -2.29 -18.42 -6.05
C GLU A 288 -0.85 -18.24 -6.49
N CYS A 289 0.03 -19.17 -6.12
CA CYS A 289 1.45 -19.07 -6.50
C CYS A 289 1.93 -20.22 -7.36
N MET B 1 -12.71 2.27 -21.85
CA MET B 1 -11.25 2.22 -21.88
C MET B 1 -10.67 1.13 -22.78
N LYS B 2 -9.67 1.48 -23.59
CA LYS B 2 -9.06 0.52 -24.52
C LYS B 2 -7.72 -0.06 -24.06
N HIS B 3 -7.58 -1.39 -24.09
CA HIS B 3 -6.33 -2.02 -23.67
C HIS B 3 -5.55 -2.70 -24.79
N GLY B 4 -4.24 -2.53 -24.74
CA GLY B 4 -3.39 -3.17 -25.72
C GLY B 4 -2.13 -3.71 -25.07
N ILE B 5 -1.24 -4.25 -25.90
CA ILE B 5 0.02 -4.79 -25.46
C ILE B 5 1.04 -4.49 -26.56
N TYR B 6 2.29 -4.32 -26.14
CA TYR B 6 3.38 -4.00 -27.06
C TYR B 6 3.88 -5.32 -27.63
N TYR B 7 4.06 -5.42 -28.96
CA TYR B 7 4.51 -6.67 -29.59
C TYR B 7 5.87 -7.15 -29.04
N ALA B 8 6.75 -6.22 -28.65
CA ALA B 8 8.08 -6.65 -28.11
C ALA B 8 8.02 -7.65 -26.95
N TYR B 9 6.90 -7.75 -26.27
CA TYR B 9 6.75 -8.71 -25.18
C TYR B 9 7.15 -10.12 -25.66
N TRP B 10 6.92 -10.38 -26.94
CA TRP B 10 7.24 -11.67 -27.57
C TRP B 10 8.55 -11.72 -28.36
N GLU B 11 9.11 -10.56 -28.72
CA GLU B 11 10.30 -10.48 -29.55
C GLU B 11 11.57 -9.84 -28.93
N GLN B 12 12.76 -10.17 -29.45
CA GLN B 12 14.02 -9.61 -28.94
C GLN B 12 14.66 -8.53 -29.83
N GLU B 13 13.92 -8.11 -30.87
CA GLU B 13 14.41 -7.06 -31.76
C GLU B 13 13.33 -6.01 -31.97
N TRP B 14 13.72 -4.79 -32.37
CA TRP B 14 12.75 -3.72 -32.54
C TRP B 14 11.92 -3.68 -33.84
N GLU B 15 11.46 -4.86 -34.23
CA GLU B 15 10.65 -5.03 -35.43
C GLU B 15 10.21 -6.49 -35.37
N ALA B 16 9.25 -6.84 -36.22
CA ALA B 16 8.72 -8.19 -36.30
C ALA B 16 7.51 -8.24 -37.24
N ASP B 17 6.94 -9.43 -37.40
CA ASP B 17 5.77 -9.55 -38.24
C ASP B 17 4.49 -9.10 -37.52
N TYR B 18 4.19 -7.83 -37.64
CA TYR B 18 3.02 -7.28 -37.03
C TYR B 18 1.71 -8.00 -37.33
N LYS B 19 1.52 -8.43 -38.58
CA LYS B 19 0.28 -9.12 -38.94
C LYS B 19 0.10 -10.31 -38.02
N TYR B 20 1.20 -11.02 -37.76
CA TYR B 20 1.17 -12.17 -36.89
C TYR B 20 0.64 -11.75 -35.50
N TYR B 21 1.22 -10.69 -34.93
CA TYR B 21 0.80 -10.20 -33.61
C TYR B 21 -0.61 -9.62 -33.58
N ILE B 22 -1.06 -9.03 -34.68
CA ILE B 22 -2.42 -8.51 -34.72
C ILE B 22 -3.34 -9.70 -34.53
N GLU B 23 -3.05 -10.78 -35.23
CA GLU B 23 -3.89 -11.96 -35.12
C GLU B 23 -3.82 -12.59 -33.74
N LYS B 24 -2.62 -12.68 -33.16
CA LYS B 24 -2.50 -13.27 -31.82
C LYS B 24 -3.30 -12.44 -30.82
N VAL B 25 -3.07 -11.14 -30.87
CA VAL B 25 -3.68 -10.19 -29.96
C VAL B 25 -5.21 -10.10 -30.08
N ALA B 26 -5.73 -10.19 -31.29
CA ALA B 26 -7.18 -10.15 -31.43
C ALA B 26 -7.68 -11.39 -30.71
N LYS B 27 -6.98 -12.51 -30.92
CA LYS B 27 -7.41 -13.76 -30.31
C LYS B 27 -7.37 -13.74 -28.78
N LEU B 28 -6.37 -13.08 -28.19
CA LEU B 28 -6.28 -13.05 -26.73
C LEU B 28 -7.26 -12.04 -26.17
N GLY B 29 -7.83 -11.19 -27.03
CA GLY B 29 -8.82 -10.26 -26.53
C GLY B 29 -8.47 -8.77 -26.39
N PHE B 30 -7.26 -8.41 -26.78
CA PHE B 30 -6.84 -7.01 -26.68
C PHE B 30 -7.58 -6.13 -27.66
N ASP B 31 -7.63 -4.84 -27.39
CA ASP B 31 -8.26 -3.88 -28.27
C ASP B 31 -7.14 -3.30 -29.13
N ILE B 32 -5.94 -3.27 -28.54
CA ILE B 32 -4.82 -2.66 -29.21
C ILE B 32 -3.51 -3.41 -29.28
N LEU B 33 -2.79 -3.17 -30.38
CA LEU B 33 -1.45 -3.74 -30.51
C LEU B 33 -0.59 -2.52 -30.73
N GLU B 34 0.49 -2.42 -29.96
CA GLU B 34 1.41 -1.31 -30.10
C GLU B 34 2.64 -1.89 -30.81
N ILE B 35 3.10 -1.17 -31.82
CA ILE B 35 4.23 -1.66 -32.56
C ILE B 35 5.37 -0.66 -32.61
N ALA B 36 6.59 -1.20 -32.74
CA ALA B 36 7.78 -0.38 -32.87
C ALA B 36 7.74 0.31 -34.23
N ALA B 37 8.03 1.60 -34.21
CA ALA B 37 8.03 2.44 -35.40
C ALA B 37 9.15 2.20 -36.40
N SER B 38 10.34 1.83 -35.95
CA SER B 38 11.47 1.73 -36.86
C SER B 38 11.31 1.06 -38.22
N PRO B 39 10.56 -0.05 -38.32
CA PRO B 39 10.52 -0.58 -39.68
C PRO B 39 9.59 0.19 -40.62
N LEU B 40 8.64 0.90 -40.04
CA LEU B 40 7.66 1.59 -40.84
C LEU B 40 8.12 2.49 -41.99
N PRO B 41 9.31 3.09 -41.89
CA PRO B 41 9.74 3.96 -43.00
C PRO B 41 10.09 3.21 -44.28
N PHE B 42 10.19 1.89 -44.19
CA PHE B 42 10.58 1.08 -45.33
C PHE B 42 9.48 0.19 -45.86
N TYR B 43 8.26 0.57 -45.54
CA TYR B 43 7.07 -0.14 -45.96
C TYR B 43 6.63 0.48 -47.28
N SER B 44 6.30 -0.38 -48.24
CA SER B 44 5.81 0.09 -49.54
C SER B 44 4.38 0.48 -49.21
N ASP B 45 3.71 1.20 -50.10
CA ASP B 45 2.32 1.55 -49.80
C ASP B 45 1.49 0.27 -49.71
N ILE B 46 1.97 -0.76 -50.40
CA ILE B 46 1.31 -2.05 -50.42
C ILE B 46 1.32 -2.65 -49.01
N GLN B 47 2.50 -2.84 -48.42
CA GLN B 47 2.59 -3.42 -47.07
C GLN B 47 1.98 -2.50 -45.97
N ILE B 48 1.95 -1.20 -46.23
CA ILE B 48 1.32 -0.31 -45.29
C ILE B 48 -0.16 -0.69 -45.37
N ASN B 49 -0.70 -0.74 -46.57
CA ASN B 49 -2.09 -1.09 -46.68
C ASN B 49 -2.45 -2.47 -46.17
N GLU B 50 -1.55 -3.45 -46.31
CA GLU B 50 -1.89 -4.78 -45.80
C GLU B 50 -1.93 -4.78 -44.27
N LEU B 51 -1.10 -3.94 -43.65
CA LEU B 51 -1.06 -3.86 -42.19
C LEU B 51 -2.37 -3.25 -41.74
N LYS B 52 -2.65 -2.07 -42.26
CA LYS B 52 -3.90 -1.39 -41.97
C LYS B 52 -5.08 -2.35 -42.23
N ALA B 53 -4.99 -3.13 -43.29
CA ALA B 53 -6.06 -4.07 -43.63
C ALA B 53 -6.16 -5.17 -42.59
N CYS B 54 -5.01 -5.66 -42.13
CA CYS B 54 -5.01 -6.70 -41.10
C CYS B 54 -5.69 -6.18 -39.81
N ALA B 55 -5.29 -5.00 -39.39
CA ALA B 55 -5.83 -4.43 -38.17
C ALA B 55 -7.35 -4.27 -38.27
N HIS B 56 -7.83 -3.66 -39.36
CA HIS B 56 -9.26 -3.47 -39.52
C HIS B 56 -9.98 -4.81 -39.50
N GLY B 57 -9.42 -5.77 -40.21
CA GLY B 57 -10.03 -7.07 -40.26
C GLY B 57 -10.16 -7.75 -38.92
N ASN B 58 -9.14 -7.60 -38.08
CA ASN B 58 -9.13 -8.22 -36.76
C ASN B 58 -9.72 -7.37 -35.62
N GLY B 59 -10.20 -6.18 -35.97
CA GLY B 59 -10.80 -5.30 -34.98
C GLY B 59 -9.78 -4.76 -33.98
N ILE B 60 -8.56 -4.59 -34.45
CA ILE B 60 -7.48 -4.10 -33.63
C ILE B 60 -7.06 -2.68 -34.02
N THR B 61 -6.79 -1.89 -33.01
CA THR B 61 -6.34 -0.53 -33.21
C THR B 61 -4.84 -0.54 -32.95
N LEU B 62 -4.10 0.19 -33.80
CA LEU B 62 -2.66 0.26 -33.71
C LEU B 62 -2.15 1.62 -33.17
N THR B 63 -1.20 1.54 -32.26
CA THR B 63 -0.59 2.71 -31.70
C THR B 63 0.89 2.42 -31.91
N VAL B 64 1.71 3.44 -31.86
CA VAL B 64 3.12 3.22 -32.07
C VAL B 64 4.05 3.74 -30.97
N GLY B 65 5.09 2.95 -30.72
CA GLY B 65 6.09 3.34 -29.76
C GLY B 65 7.38 3.54 -30.58
N HIS B 66 8.31 4.31 -30.03
CA HIS B 66 9.57 4.54 -30.72
C HIS B 66 10.68 5.02 -29.80
N GLY B 67 11.82 4.34 -29.85
CA GLY B 67 12.98 4.74 -29.05
C GLY B 67 13.87 5.45 -30.10
N PRO B 68 13.99 6.78 -30.08
CA PRO B 68 14.82 7.42 -31.10
C PRO B 68 16.31 7.11 -31.03
N SER B 69 16.93 7.05 -32.21
CA SER B 69 18.38 6.83 -32.33
C SER B 69 19.03 8.22 -32.16
N ALA B 70 20.32 8.25 -31.83
CA ALA B 70 21.03 9.52 -31.66
C ALA B 70 20.83 10.46 -32.86
N GLU B 71 20.80 9.90 -34.07
CA GLU B 71 20.60 10.69 -35.28
C GLU B 71 19.22 11.30 -35.38
N GLN B 72 18.27 10.77 -34.60
CA GLN B 72 16.90 11.29 -34.62
C GLN B 72 16.63 12.19 -33.41
N ASN B 73 17.67 12.46 -32.63
CA ASN B 73 17.58 13.31 -31.43
C ASN B 73 17.20 14.79 -31.61
N LEU B 74 15.90 15.11 -31.55
CA LEU B 74 15.40 16.48 -31.73
C LEU B 74 15.97 17.51 -30.75
N SER B 75 16.71 17.07 -29.75
CA SER B 75 17.24 18.02 -28.78
C SER B 75 18.74 18.30 -28.96
N SER B 76 19.36 17.56 -29.86
CA SER B 76 20.79 17.65 -30.14
C SER B 76 21.25 19.07 -30.50
N PRO B 77 22.39 19.50 -29.96
CA PRO B 77 22.88 20.85 -30.28
C PRO B 77 23.26 20.89 -31.77
N ASP B 78 23.75 19.76 -32.27
CA ASP B 78 24.14 19.65 -33.68
C ASP B 78 22.91 19.83 -34.57
N PRO B 79 22.87 20.92 -35.32
CA PRO B 79 21.75 21.23 -36.23
C PRO B 79 21.53 20.25 -37.38
N ASP B 80 22.56 19.51 -37.76
CA ASP B 80 22.42 18.53 -38.83
C ASP B 80 21.55 17.38 -38.29
N ILE B 81 21.86 16.99 -37.07
CA ILE B 81 21.15 15.92 -36.41
C ILE B 81 19.70 16.36 -36.19
N ARG B 82 19.48 17.62 -35.82
CA ARG B 82 18.11 18.08 -35.65
C ARG B 82 17.39 17.98 -36.99
N LYS B 83 18.09 18.36 -38.06
CA LYS B 83 17.52 18.30 -39.40
C LYS B 83 17.10 16.88 -39.72
N ASN B 84 18.02 15.93 -39.58
CA ASN B 84 17.68 14.53 -39.85
C ASN B 84 16.46 14.18 -38.99
N ALA B 85 16.53 14.49 -37.70
CA ALA B 85 15.43 14.21 -36.76
C ALA B 85 14.07 14.69 -37.27
N LYS B 86 13.93 16.00 -37.52
CA LYS B 86 12.66 16.54 -38.00
C LYS B 86 12.20 15.94 -39.33
N ALA B 87 13.13 15.63 -40.21
CA ALA B 87 12.77 15.06 -41.50
C ALA B 87 12.24 13.67 -41.26
N PHE B 88 12.97 12.92 -40.43
CA PHE B 88 12.59 11.56 -40.09
C PHE B 88 11.15 11.49 -39.60
N TYR B 89 10.83 12.35 -38.64
CA TYR B 89 9.51 12.38 -38.04
C TYR B 89 8.35 12.72 -38.94
N THR B 90 8.58 13.64 -39.87
CA THR B 90 7.49 14.02 -40.75
C THR B 90 7.18 12.88 -41.72
N ASP B 91 8.21 12.16 -42.17
CA ASP B 91 7.98 11.03 -43.06
C ASP B 91 7.18 9.97 -42.28
N LEU B 92 7.64 9.70 -41.06
CA LEU B 92 7.00 8.73 -40.15
C LEU B 92 5.55 9.12 -39.87
N LEU B 93 5.36 10.39 -39.51
CA LEU B 93 4.03 10.88 -39.21
C LEU B 93 3.14 10.69 -40.43
N LYS B 94 3.62 11.07 -41.59
CA LYS B 94 2.85 10.93 -42.82
C LYS B 94 2.50 9.48 -43.01
N ARG B 95 3.43 8.60 -42.71
CA ARG B 95 3.15 7.17 -42.87
C ARG B 95 2.08 6.72 -41.86
N LEU B 96 2.16 7.23 -40.64
CA LEU B 96 1.18 6.90 -39.61
C LEU B 96 -0.20 7.28 -40.14
N TYR B 97 -0.30 8.42 -40.82
CA TYR B 97 -1.58 8.83 -41.36
C TYR B 97 -2.10 7.77 -42.34
N LYS B 98 -1.21 7.19 -43.14
CA LYS B 98 -1.59 6.17 -44.11
C LYS B 98 -2.04 4.88 -43.45
N LEU B 99 -1.48 4.57 -42.27
CA LEU B 99 -1.81 3.36 -41.56
C LEU B 99 -2.95 3.61 -40.56
N ASP B 100 -3.51 4.81 -40.63
CA ASP B 100 -4.56 5.33 -39.73
C ASP B 100 -4.31 5.07 -38.25
N VAL B 101 -3.08 5.37 -37.81
CA VAL B 101 -2.76 5.25 -36.40
C VAL B 101 -2.77 6.73 -35.94
N HIS B 102 -3.46 7.00 -34.84
CA HIS B 102 -3.57 8.36 -34.35
C HIS B 102 -2.72 8.59 -33.10
N LEU B 103 -1.80 7.68 -32.80
CA LEU B 103 -0.96 7.84 -31.60
C LEU B 103 0.43 7.28 -31.68
N ILE B 104 1.42 8.11 -31.32
CA ILE B 104 2.81 7.65 -31.25
C ILE B 104 3.32 8.15 -29.90
N GLY B 105 4.20 7.38 -29.27
CA GLY B 105 4.70 7.80 -27.96
C GLY B 105 6.09 7.28 -27.66
N GLY B 106 6.75 7.84 -26.66
CA GLY B 106 8.11 7.43 -26.31
C GLY B 106 8.96 8.65 -26.00
N ALA B 107 10.27 8.47 -25.84
CA ALA B 107 11.15 9.61 -25.54
C ALA B 107 11.30 10.47 -26.79
N LEU B 108 10.18 10.85 -27.39
CA LEU B 108 10.19 11.59 -28.64
C LEU B 108 10.89 12.94 -28.56
N TYR B 109 11.12 13.42 -27.35
CA TYR B 109 11.74 14.73 -27.17
C TYR B 109 13.24 14.59 -27.01
N SER B 110 13.76 13.37 -27.12
CA SER B 110 15.19 13.13 -26.91
C SER B 110 15.62 11.96 -27.77
N TYR B 111 16.38 11.04 -27.20
CA TYR B 111 16.77 9.81 -27.92
C TYR B 111 16.84 8.70 -26.85
N TRP B 112 16.90 7.44 -27.29
CA TRP B 112 16.88 6.32 -26.34
C TRP B 112 17.41 5.03 -26.95
N PRO B 113 18.28 4.32 -26.24
CA PRO B 113 18.85 4.60 -24.92
C PRO B 113 19.73 5.85 -24.94
N ILE B 114 20.06 6.36 -23.76
CA ILE B 114 20.91 7.55 -23.68
C ILE B 114 22.34 7.14 -23.37
N ASP B 115 23.28 7.90 -23.92
CA ASP B 115 24.70 7.64 -23.72
C ASP B 115 25.12 8.49 -22.52
N TYR B 116 25.26 7.84 -21.36
CA TYR B 116 25.63 8.57 -20.16
C TYR B 116 27.12 8.73 -19.95
N THR B 117 27.92 8.41 -20.96
CA THR B 117 29.37 8.57 -20.85
C THR B 117 29.67 9.92 -21.46
N LYS B 118 28.62 10.62 -21.85
CA LYS B 118 28.78 11.95 -22.42
C LYS B 118 28.38 12.97 -21.37
N THR B 119 28.79 14.23 -21.56
CA THR B 119 28.46 15.28 -20.60
C THR B 119 27.05 15.78 -20.88
N ILE B 120 26.27 15.89 -19.82
CA ILE B 120 24.88 16.31 -19.91
C ILE B 120 24.64 17.81 -19.88
N ASP B 121 23.83 18.30 -20.82
CA ASP B 121 23.43 19.70 -20.89
C ASP B 121 21.90 19.76 -20.93
N LYS B 122 21.31 19.61 -19.76
CA LYS B 122 19.87 19.57 -19.62
C LYS B 122 19.15 20.81 -20.09
N LYS B 123 19.50 21.94 -19.50
CA LYS B 123 18.84 23.18 -19.88
C LYS B 123 18.97 23.42 -21.39
N GLY B 124 20.16 23.19 -21.95
CA GLY B 124 20.33 23.36 -23.38
C GLY B 124 19.46 22.43 -24.21
N ASP B 125 19.59 21.12 -23.94
CA ASP B 125 18.80 20.14 -24.66
C ASP B 125 17.32 20.45 -24.47
N TRP B 126 16.96 20.86 -23.26
CA TRP B 126 15.57 21.19 -22.97
C TRP B 126 14.99 22.28 -23.85
N GLU B 127 15.65 23.43 -23.98
CA GLU B 127 15.08 24.49 -24.84
C GLU B 127 15.07 24.07 -26.31
N ARG B 128 16.17 23.47 -26.76
CA ARG B 128 16.23 22.97 -28.13
C ARG B 128 15.01 22.04 -28.41
N SER B 129 14.87 20.99 -27.59
CA SER B 129 13.80 20.02 -27.75
C SER B 129 12.42 20.66 -27.78
N VAL B 130 12.16 21.59 -26.87
CA VAL B 130 10.85 22.21 -26.87
C VAL B 130 10.62 22.85 -28.24
N GLU B 131 11.61 23.58 -28.73
CA GLU B 131 11.48 24.23 -30.04
C GLU B 131 11.28 23.17 -31.11
N SER B 132 12.13 22.15 -31.10
CA SER B 132 12.02 21.08 -32.08
C SER B 132 10.64 20.39 -32.12
N VAL B 133 10.09 20.09 -30.94
CA VAL B 133 8.81 19.38 -30.86
C VAL B 133 7.62 20.21 -31.26
N ARG B 134 7.64 21.49 -30.91
CA ARG B 134 6.54 22.35 -31.30
C ARG B 134 6.47 22.31 -32.83
N GLU B 135 7.64 22.42 -33.46
CA GLU B 135 7.71 22.40 -34.90
C GLU B 135 7.10 21.09 -35.38
N VAL B 136 7.58 19.97 -34.85
CA VAL B 136 7.05 18.68 -35.26
C VAL B 136 5.55 18.57 -34.97
N ALA B 137 5.10 19.25 -33.92
CA ALA B 137 3.70 19.22 -33.53
C ALA B 137 2.76 19.54 -34.69
N LYS B 138 3.18 20.45 -35.55
CA LYS B 138 2.38 20.83 -36.71
C LYS B 138 2.14 19.67 -37.68
N VAL B 139 3.18 18.92 -38.01
CA VAL B 139 2.98 17.79 -38.92
C VAL B 139 2.09 16.76 -38.20
N ALA B 140 2.38 16.56 -36.92
CA ALA B 140 1.60 15.63 -36.11
C ALA B 140 0.11 15.99 -36.20
N GLU B 141 -0.19 17.27 -36.08
CA GLU B 141 -1.58 17.71 -36.16
C GLU B 141 -2.20 17.44 -37.54
N ALA B 142 -1.44 17.71 -38.60
CA ALA B 142 -1.95 17.51 -39.94
C ALA B 142 -2.10 16.03 -40.24
N CYS B 143 -1.33 15.19 -39.56
CA CYS B 143 -1.49 13.76 -39.80
C CYS B 143 -2.53 13.15 -38.88
N GLY B 144 -3.12 13.97 -38.00
CA GLY B 144 -4.11 13.45 -37.06
C GLY B 144 -3.45 12.51 -36.04
N VAL B 145 -2.27 12.88 -35.59
CA VAL B 145 -1.52 12.06 -34.66
C VAL B 145 -1.17 12.77 -33.36
N ASP B 146 -1.44 12.08 -32.25
CA ASP B 146 -1.08 12.61 -30.92
C ASP B 146 0.38 12.25 -30.69
N PHE B 147 1.20 13.26 -30.44
CA PHE B 147 2.64 13.10 -30.19
C PHE B 147 2.81 13.09 -28.65
N CYS B 148 2.97 11.89 -28.09
CA CYS B 148 3.07 11.72 -26.64
C CYS B 148 4.52 11.61 -26.14
N LEU B 149 4.88 12.43 -25.16
CA LEU B 149 6.24 12.48 -24.61
C LEU B 149 6.22 11.66 -23.33
N GLU B 150 6.88 10.50 -23.36
CA GLU B 150 6.88 9.60 -22.23
C GLU B 150 7.85 10.00 -21.15
N VAL B 151 7.35 10.13 -19.91
CA VAL B 151 8.17 10.50 -18.74
C VAL B 151 8.97 9.28 -18.40
N LEU B 152 10.29 9.41 -18.32
CA LEU B 152 11.13 8.24 -18.05
C LEU B 152 11.97 8.34 -16.81
N ASN B 153 12.45 7.19 -16.31
CA ASN B 153 13.26 7.24 -15.12
C ASN B 153 14.65 7.79 -15.41
N ARG B 154 15.30 8.25 -14.34
CA ARG B 154 16.63 8.86 -14.42
C ARG B 154 17.68 8.08 -15.21
N PHE B 155 17.57 6.77 -15.25
CA PHE B 155 18.58 6.01 -15.95
C PHE B 155 18.35 5.96 -17.46
N GLU B 156 17.19 6.38 -17.91
CA GLU B 156 16.91 6.30 -19.32
C GLU B 156 16.77 7.63 -20.01
N ASN B 157 16.83 8.71 -19.24
CA ASN B 157 16.67 10.05 -19.80
C ASN B 157 16.93 11.04 -18.68
N TYR B 158 17.24 12.27 -19.05
CA TYR B 158 17.56 13.26 -18.05
C TYR B 158 16.77 14.51 -18.19
N LEU B 159 15.99 14.64 -19.25
CA LEU B 159 15.15 15.84 -19.41
C LEU B 159 13.83 15.83 -18.64
N ILE B 160 13.10 14.73 -18.74
CA ILE B 160 11.78 14.62 -18.11
C ILE B 160 11.68 13.30 -17.31
N ASN B 161 11.73 13.43 -15.98
CA ASN B 161 11.74 12.30 -15.07
C ASN B 161 10.51 12.16 -14.18
N THR B 162 9.70 13.23 -14.11
CA THR B 162 8.46 13.19 -13.33
C THR B 162 7.29 13.75 -14.14
N ALA B 163 6.07 13.46 -13.69
CA ALA B 163 4.91 13.97 -14.40
C ALA B 163 4.91 15.51 -14.35
N GLN B 164 5.29 16.08 -13.21
CA GLN B 164 5.34 17.54 -13.13
C GLN B 164 6.25 18.11 -14.24
N GLU B 165 7.41 17.50 -14.49
CA GLU B 165 8.28 18.01 -15.54
C GLU B 165 7.68 17.77 -16.93
N GLY B 166 6.93 16.69 -17.08
CA GLY B 166 6.31 16.39 -18.35
C GLY B 166 5.25 17.41 -18.68
N VAL B 167 4.52 17.82 -17.65
CA VAL B 167 3.48 18.83 -17.82
C VAL B 167 4.14 20.19 -18.13
N ASP B 168 5.15 20.57 -17.35
CA ASP B 168 5.86 21.85 -17.56
C ASP B 168 6.35 21.90 -19.01
N PHE B 169 7.00 20.82 -19.46
CA PHE B 169 7.49 20.72 -20.82
C PHE B 169 6.39 20.75 -21.86
N VAL B 170 5.29 20.05 -21.64
CA VAL B 170 4.24 20.06 -22.64
C VAL B 170 3.50 21.40 -22.69
N LYS B 171 3.41 22.08 -21.56
CA LYS B 171 2.75 23.37 -21.54
C LYS B 171 3.67 24.37 -22.25
N GLN B 172 4.97 24.17 -22.10
CA GLN B 172 5.93 25.03 -22.77
C GLN B 172 5.81 24.84 -24.29
N VAL B 173 5.73 23.59 -24.73
CA VAL B 173 5.58 23.32 -26.15
C VAL B 173 4.33 24.02 -26.61
N ASP B 174 3.38 24.16 -25.70
CA ASP B 174 2.11 24.82 -25.95
C ASP B 174 1.38 24.47 -27.25
N HIS B 175 1.19 23.19 -27.53
CA HIS B 175 0.46 22.77 -28.74
C HIS B 175 -0.44 21.58 -28.47
N ASN B 176 -1.64 21.70 -28.97
CA ASN B 176 -2.71 20.72 -28.83
C ASN B 176 -2.40 19.22 -29.07
N ASN B 177 -1.56 18.92 -30.05
CA ASN B 177 -1.23 17.54 -30.34
C ASN B 177 -0.07 16.92 -29.58
N VAL B 178 0.44 17.62 -28.58
CA VAL B 178 1.53 17.10 -27.77
C VAL B 178 0.97 16.77 -26.39
N LYS B 179 1.14 15.50 -25.98
CA LYS B 179 0.59 15.06 -24.71
C LYS B 179 1.67 14.50 -23.76
N VAL B 180 1.38 14.48 -22.46
CA VAL B 180 2.29 13.85 -21.51
C VAL B 180 1.95 12.33 -21.53
N MET B 181 2.96 11.49 -21.39
CA MET B 181 2.74 10.05 -21.36
C MET B 181 3.34 9.53 -20.06
N LEU B 182 2.61 8.67 -19.33
CA LEU B 182 3.15 8.11 -18.09
C LEU B 182 3.30 6.61 -18.25
N ASP B 183 4.18 6.04 -17.43
CA ASP B 183 4.51 4.62 -17.46
C ASP B 183 4.66 4.18 -16.03
N THR B 184 3.93 3.14 -15.65
CA THR B 184 3.94 2.71 -14.27
C THR B 184 5.31 2.25 -13.81
N PHE B 185 6.11 1.71 -14.73
CA PHE B 185 7.46 1.24 -14.42
C PHE B 185 8.38 2.44 -14.08
N HIS B 186 8.23 3.51 -14.86
CA HIS B 186 9.01 4.70 -14.64
C HIS B 186 8.48 5.51 -13.43
N MET B 187 7.17 5.61 -13.27
CA MET B 187 6.62 6.32 -12.10
C MET B 187 7.06 5.66 -10.77
N ASN B 188 7.13 4.34 -10.76
CA ASN B 188 7.48 3.60 -9.56
C ASN B 188 8.86 4.01 -9.05
N ILE B 189 9.67 4.51 -9.95
CA ILE B 189 11.01 4.95 -9.57
C ILE B 189 11.00 6.41 -9.08
N GLU B 190 10.61 7.33 -9.94
CA GLU B 190 10.68 8.75 -9.63
C GLU B 190 9.64 9.49 -8.81
N GLU B 191 8.39 9.07 -8.83
CA GLU B 191 7.31 9.80 -8.17
C GLU B 191 7.11 9.68 -6.67
N ASP B 192 6.76 10.80 -6.06
CA ASP B 192 6.46 10.72 -4.64
C ASP B 192 5.15 9.93 -4.50
N SER B 193 4.22 10.18 -5.44
CA SER B 193 2.90 9.60 -5.44
C SER B 193 2.45 9.18 -6.86
N ILE B 194 2.00 7.93 -7.03
CA ILE B 194 1.54 7.43 -8.33
C ILE B 194 0.25 8.13 -8.70
N GLY B 195 -0.74 7.98 -7.82
CA GLY B 195 -2.03 8.63 -8.02
C GLY B 195 -1.84 10.14 -8.20
N GLY B 196 -0.91 10.72 -7.45
CA GLY B 196 -0.66 12.17 -7.55
C GLY B 196 -0.06 12.59 -8.89
N ALA B 197 0.78 11.73 -9.44
CA ALA B 197 1.43 11.99 -10.72
C ALA B 197 0.36 11.95 -11.82
N ILE B 198 -0.54 10.97 -11.76
CA ILE B 198 -1.63 10.88 -12.75
C ILE B 198 -2.52 12.12 -12.67
N ARG B 199 -2.86 12.56 -11.45
CA ARG B 199 -3.69 13.72 -11.28
C ARG B 199 -2.92 14.97 -11.75
N THR B 200 -1.61 14.96 -11.61
CA THR B 200 -0.79 16.10 -12.05
C THR B 200 -0.83 16.12 -13.59
N ALA B 201 -0.69 14.96 -14.22
CA ALA B 201 -0.76 14.95 -15.68
C ALA B 201 -2.16 15.41 -16.15
N GLY B 202 -3.20 15.00 -15.41
CA GLY B 202 -4.59 15.38 -15.73
C GLY B 202 -4.96 15.43 -17.20
N SER B 203 -5.53 16.56 -17.66
CA SER B 203 -5.93 16.68 -19.08
C SER B 203 -4.86 16.37 -20.11
N TYR B 204 -3.60 16.60 -19.78
CA TYR B 204 -2.48 16.35 -20.68
C TYR B 204 -2.13 14.86 -20.85
N LEU B 205 -2.52 14.00 -19.92
CA LEU B 205 -2.19 12.56 -20.09
C LEU B 205 -2.81 12.03 -21.38
N GLY B 206 -1.99 11.68 -22.38
CA GLY B 206 -2.54 11.15 -23.64
C GLY B 206 -2.28 9.66 -23.87
N HIS B 207 -1.51 9.01 -22.99
CA HIS B 207 -1.23 7.60 -23.19
C HIS B 207 -0.67 7.05 -21.89
N LEU B 208 -0.86 5.75 -21.67
CA LEU B 208 -0.35 5.12 -20.46
C LEU B 208 0.21 3.72 -20.69
N HIS B 209 1.41 3.51 -20.19
CA HIS B 209 2.13 2.22 -20.24
C HIS B 209 2.02 1.55 -18.89
N THR B 210 1.93 0.22 -18.89
CA THR B 210 1.80 -0.53 -17.65
C THR B 210 2.78 -1.71 -17.62
N GLY B 211 3.16 -2.05 -16.40
CA GLY B 211 4.12 -3.12 -16.20
C GLY B 211 4.35 -3.10 -14.70
N GLU B 212 4.79 -4.21 -14.14
CA GLU B 212 5.06 -4.29 -12.71
C GLU B 212 6.41 -3.59 -12.43
N CYS B 213 6.75 -3.45 -11.15
CA CYS B 213 7.99 -2.77 -10.75
C CYS B 213 9.16 -3.27 -11.54
N ASN B 214 9.18 -4.56 -11.82
CA ASN B 214 10.28 -5.09 -12.60
C ASN B 214 9.93 -5.46 -14.03
N ARG B 215 8.84 -4.89 -14.54
CA ARG B 215 8.38 -5.09 -15.93
C ARG B 215 7.67 -6.41 -16.24
N LYS B 216 7.19 -7.12 -15.22
CA LYS B 216 6.42 -8.34 -15.48
C LYS B 216 5.03 -7.84 -15.88
N VAL B 217 4.16 -8.74 -16.36
CA VAL B 217 2.82 -8.31 -16.76
C VAL B 217 2.14 -7.85 -15.50
N PRO B 218 1.16 -6.93 -15.61
CA PRO B 218 0.42 -6.43 -14.46
C PRO B 218 -0.32 -7.48 -13.69
N GLY B 219 -0.35 -7.29 -12.37
CA GLY B 219 -1.09 -8.24 -11.58
C GLY B 219 -0.59 -8.74 -10.27
N ARG B 220 0.56 -9.39 -10.25
CA ARG B 220 1.03 -9.99 -9.02
C ARG B 220 2.21 -9.29 -8.35
N GLY B 221 2.47 -8.05 -8.78
CA GLY B 221 3.58 -7.27 -8.27
C GLY B 221 3.18 -6.26 -7.22
N ARG B 222 3.97 -5.17 -7.07
CA ARG B 222 3.74 -4.13 -6.07
C ARG B 222 3.17 -2.84 -6.60
N ILE B 223 3.01 -2.74 -7.91
CA ILE B 223 2.46 -1.51 -8.46
C ILE B 223 1.07 -1.41 -7.86
N PRO B 224 0.62 -0.21 -7.46
CA PRO B 224 -0.70 -0.01 -6.86
C PRO B 224 -1.79 0.24 -7.91
N TRP B 225 -2.22 -0.86 -8.51
CA TRP B 225 -3.23 -0.78 -9.58
C TRP B 225 -4.53 -0.08 -9.24
N VAL B 226 -5.06 -0.30 -8.02
CA VAL B 226 -6.31 0.31 -7.66
C VAL B 226 -6.14 1.84 -7.58
N GLU B 227 -5.08 2.30 -6.93
CA GLU B 227 -4.81 3.75 -6.84
C GLU B 227 -4.74 4.31 -8.31
N ILE B 228 -4.07 3.58 -9.21
CA ILE B 228 -3.97 4.02 -10.60
C ILE B 228 -5.34 4.15 -11.20
N GLY B 229 -6.15 3.11 -11.01
CA GLY B 229 -7.51 3.15 -11.53
C GLY B 229 -8.30 4.31 -10.97
N GLU B 230 -8.19 4.55 -9.67
CA GLU B 230 -8.94 5.61 -9.09
C GLU B 230 -8.44 6.97 -9.58
N ALA B 231 -7.13 7.10 -9.77
CA ALA B 231 -6.62 8.37 -10.25
C ALA B 231 -7.05 8.58 -11.72
N LEU B 232 -7.11 7.52 -12.50
CA LEU B 232 -7.58 7.65 -13.89
C LEU B 232 -9.07 8.11 -13.94
N ALA B 233 -9.88 7.62 -12.99
CA ALA B 233 -11.27 8.06 -12.88
C ALA B 233 -11.30 9.50 -12.39
N ASP B 234 -10.42 9.85 -11.43
CA ASP B 234 -10.37 11.24 -10.94
C ASP B 234 -10.20 12.23 -12.09
N ILE B 235 -9.27 11.96 -12.99
CA ILE B 235 -9.02 12.90 -14.08
C ILE B 235 -9.99 12.76 -15.25
N GLY B 236 -10.61 11.58 -15.34
CA GLY B 236 -11.53 11.32 -16.43
C GLY B 236 -10.79 10.90 -17.68
N TYR B 237 -9.76 10.07 -17.52
CA TYR B 237 -8.92 9.63 -18.65
C TYR B 237 -9.67 8.98 -19.79
N ASN B 238 -9.36 9.42 -21.00
CA ASN B 238 -10.02 8.87 -22.19
C ASN B 238 -9.08 8.21 -23.20
N GLY B 239 -7.86 7.91 -22.77
CA GLY B 239 -6.94 7.28 -23.67
C GLY B 239 -6.95 5.80 -23.47
N SER B 240 -5.91 5.17 -23.98
CA SER B 240 -5.81 3.74 -23.87
C SER B 240 -4.73 3.41 -22.87
N VAL B 241 -4.61 2.11 -22.60
CA VAL B 241 -3.65 1.61 -21.63
C VAL B 241 -3.00 0.44 -22.26
N VAL B 242 -1.69 0.55 -22.47
CA VAL B 242 -0.94 -0.50 -23.11
C VAL B 242 0.06 -1.12 -22.17
N MET B 243 -0.01 -2.42 -21.97
CA MET B 243 0.99 -3.07 -21.13
C MET B 243 2.21 -3.33 -21.99
N GLU B 244 3.34 -3.14 -21.34
CA GLU B 244 4.63 -3.26 -21.98
C GLU B 244 5.53 -4.21 -21.18
N PRO B 245 5.12 -5.46 -21.02
CA PRO B 245 6.02 -6.33 -20.25
C PRO B 245 7.25 -6.79 -20.99
N PHE B 246 8.35 -6.90 -20.25
CA PHE B 246 9.64 -7.34 -20.81
C PHE B 246 10.18 -8.37 -19.87
N VAL B 247 10.06 -9.65 -20.25
CA VAL B 247 10.53 -10.69 -19.36
C VAL B 247 11.56 -11.65 -19.94
N ARG B 248 12.12 -11.30 -21.10
CA ARG B 248 13.10 -12.15 -21.78
C ARG B 248 14.50 -11.59 -22.00
N MET B 249 15.52 -12.40 -21.73
CA MET B 249 16.90 -11.98 -21.97
C MET B 249 17.21 -12.04 -23.48
N GLY B 250 18.19 -11.27 -23.92
CA GLY B 250 18.61 -11.37 -25.32
C GLY B 250 18.19 -10.36 -26.35
N GLY B 251 18.98 -10.27 -27.41
CA GLY B 251 18.70 -9.34 -28.50
C GLY B 251 18.89 -7.89 -28.08
N THR B 252 18.57 -6.98 -29.00
CA THR B 252 18.66 -5.54 -28.75
C THR B 252 17.65 -5.10 -27.67
N VAL B 253 16.50 -5.79 -27.68
CA VAL B 253 15.43 -5.52 -26.73
C VAL B 253 15.95 -5.90 -25.34
N GLY B 254 16.40 -7.14 -25.16
CA GLY B 254 16.89 -7.55 -23.87
C GLY B 254 18.03 -6.65 -23.36
N SER B 255 18.93 -6.26 -24.24
CA SER B 255 20.02 -5.40 -23.80
C SER B 255 19.54 -3.97 -23.59
N ASN B 256 18.65 -3.48 -24.45
CA ASN B 256 18.12 -2.12 -24.30
C ASN B 256 17.26 -1.95 -23.02
N ILE B 257 16.55 -3.02 -22.62
CA ILE B 257 15.68 -2.98 -21.44
C ILE B 257 16.46 -3.44 -20.21
N LYS B 258 17.65 -3.98 -20.42
CA LYS B 258 18.51 -4.48 -19.34
C LYS B 258 17.92 -5.65 -18.58
N VAL B 259 17.46 -6.63 -19.33
CA VAL B 259 16.90 -7.82 -18.72
C VAL B 259 18.10 -8.74 -18.58
N TRP B 260 18.67 -8.86 -17.36
CA TRP B 260 19.86 -9.69 -17.19
C TRP B 260 19.63 -11.05 -16.55
N ARG B 261 18.38 -11.43 -16.39
CA ARG B 261 18.04 -12.73 -15.81
C ARG B 261 16.75 -13.19 -16.53
N ASP B 262 16.43 -14.48 -16.50
CA ASP B 262 15.21 -14.95 -17.15
C ASP B 262 14.01 -14.69 -16.27
N ILE B 263 13.44 -13.51 -16.42
CA ILE B 263 12.29 -13.13 -15.64
C ILE B 263 11.07 -13.94 -16.06
N SER B 264 11.02 -14.33 -17.33
CA SER B 264 9.88 -15.11 -17.86
C SER B 264 9.85 -16.50 -17.25
N ASN B 265 10.96 -16.87 -16.63
CA ASN B 265 11.02 -18.17 -15.99
C ASN B 265 10.75 -19.34 -16.96
N GLY B 266 11.37 -19.27 -18.14
CA GLY B 266 11.22 -20.33 -19.11
C GLY B 266 9.94 -20.38 -19.92
N ALA B 267 9.15 -19.33 -19.87
CA ALA B 267 7.90 -19.35 -20.62
C ALA B 267 8.02 -19.60 -22.12
N ASP B 268 7.17 -20.49 -22.64
CA ASP B 268 7.16 -20.74 -24.08
C ASP B 268 6.10 -19.78 -24.57
N GLU B 269 5.97 -19.63 -25.87
CA GLU B 269 5.02 -18.69 -26.45
C GLU B 269 3.58 -18.80 -25.92
N LYS B 270 3.16 -20.03 -25.68
CA LYS B 270 1.82 -20.32 -25.21
C LYS B 270 1.65 -19.83 -23.78
N MET B 271 2.68 -20.03 -22.95
CA MET B 271 2.62 -19.55 -21.56
C MET B 271 2.67 -18.00 -21.58
N LEU B 272 3.52 -17.44 -22.45
CA LEU B 272 3.58 -15.98 -22.55
C LEU B 272 2.19 -15.48 -22.88
N ASP B 273 1.48 -16.17 -23.80
CA ASP B 273 0.13 -15.74 -24.18
C ASP B 273 -0.86 -15.82 -23.00
N ARG B 274 -0.80 -16.90 -22.22
CA ARG B 274 -1.71 -17.09 -21.10
C ARG B 274 -1.57 -15.94 -20.12
N GLU B 275 -0.32 -15.65 -19.79
CA GLU B 275 -0.02 -14.63 -18.83
C GLU B 275 -0.45 -13.26 -19.32
N ALA B 276 -0.27 -12.98 -20.60
CA ALA B 276 -0.69 -11.69 -21.15
C ALA B 276 -2.20 -11.52 -21.06
N GLN B 277 -2.94 -12.58 -21.39
CA GLN B 277 -4.38 -12.57 -21.37
C GLN B 277 -4.90 -12.41 -19.93
N ALA B 278 -4.25 -13.09 -18.99
CA ALA B 278 -4.71 -12.97 -17.63
C ALA B 278 -4.48 -11.53 -17.13
N ALA B 279 -3.35 -10.92 -17.50
CA ALA B 279 -3.07 -9.55 -17.05
C ALA B 279 -4.07 -8.62 -17.71
N LEU B 280 -4.49 -8.99 -18.93
CA LEU B 280 -5.50 -8.21 -19.66
C LEU B 280 -6.78 -8.20 -18.88
N ASP B 281 -7.23 -9.37 -18.41
CA ASP B 281 -8.48 -9.43 -17.63
C ASP B 281 -8.33 -8.65 -16.32
N PHE B 282 -7.19 -8.83 -15.67
CA PHE B 282 -6.90 -8.12 -14.42
C PHE B 282 -7.02 -6.59 -14.67
N SER B 283 -6.34 -6.10 -15.69
CA SER B 283 -6.34 -4.66 -15.98
C SER B 283 -7.72 -4.10 -16.30
N ARG B 284 -8.51 -4.84 -17.08
CA ARG B 284 -9.86 -4.35 -17.38
C ARG B 284 -10.65 -4.32 -16.12
N TYR B 285 -10.40 -5.32 -15.27
CA TYR B 285 -11.17 -5.38 -14.04
C TYR B 285 -10.83 -4.34 -13.00
N VAL B 286 -9.54 -4.20 -12.70
CA VAL B 286 -9.09 -3.29 -11.67
C VAL B 286 -9.00 -1.80 -12.11
N LEU B 287 -8.62 -1.55 -13.36
CA LEU B 287 -8.48 -0.16 -13.79
C LEU B 287 -9.73 0.57 -14.25
N GLU B 288 -10.82 -0.11 -14.47
CA GLU B 288 -11.98 0.62 -14.97
C GLU B 288 -13.01 1.11 -13.97
N CYS B 289 -13.79 2.08 -14.41
CA CYS B 289 -14.91 2.64 -13.65
C CYS B 289 -14.61 3.38 -12.34
N HIS B 290 -14.80 2.76 -11.19
CA HIS B 290 -14.51 3.52 -9.97
C HIS B 290 -15.29 4.84 -9.98
N MET C 1 19.52 -2.34 17.17
CA MET C 1 19.80 -2.05 15.77
C MET C 1 20.47 -0.69 15.62
N LYS C 2 21.58 -0.67 14.92
CA LYS C 2 22.32 0.58 14.74
C LYS C 2 21.92 1.36 13.49
N HIS C 3 21.78 2.66 13.64
CA HIS C 3 21.36 3.52 12.54
C HIS C 3 22.42 4.53 12.08
N GLY C 4 22.68 4.58 10.77
CA GLY C 4 23.64 5.52 10.24
C GLY C 4 23.15 6.29 9.02
N ILE C 5 24.02 7.14 8.48
CA ILE C 5 23.71 7.87 7.27
C ILE C 5 25.02 8.02 6.45
N TYR C 6 24.89 8.08 5.14
CA TYR C 6 26.04 8.20 4.27
C TYR C 6 26.38 9.71 4.21
N TYR C 7 27.64 10.04 4.48
CA TYR C 7 28.08 11.43 4.50
C TYR C 7 27.74 12.15 3.19
N ALA C 8 27.81 11.43 2.09
CA ALA C 8 27.55 12.02 0.77
C ALA C 8 26.17 12.67 0.58
N TYR C 9 25.26 12.48 1.54
CA TYR C 9 23.95 13.09 1.51
C TYR C 9 24.18 14.61 1.51
N TRP C 10 25.31 15.04 2.06
CA TRP C 10 25.67 16.46 2.14
C TRP C 10 26.68 16.94 1.12
N GLU C 11 27.45 16.01 0.55
CA GLU C 11 28.54 16.28 -0.39
C GLU C 11 28.39 15.76 -1.84
N GLN C 12 29.02 16.46 -2.78
CA GLN C 12 28.93 16.05 -4.18
C GLN C 12 30.12 15.26 -4.73
N GLU C 13 31.06 14.85 -3.86
CA GLU C 13 32.19 14.06 -4.33
C GLU C 13 32.44 12.85 -3.42
N TRP C 14 33.10 11.81 -3.93
CA TRP C 14 33.36 10.61 -3.10
C TRP C 14 34.54 10.76 -2.10
N GLU C 15 34.51 11.85 -1.33
CA GLU C 15 35.52 12.17 -0.31
C GLU C 15 35.08 13.46 0.40
N ALA C 16 35.39 13.56 1.69
CA ALA C 16 35.01 14.74 2.45
C ALA C 16 35.76 14.77 3.77
N ASP C 17 35.57 15.83 4.54
CA ASP C 17 36.19 15.90 5.84
C ASP C 17 35.31 15.01 6.72
N TYR C 18 35.63 13.73 6.76
CA TYR C 18 34.84 12.79 7.55
C TYR C 18 34.77 13.15 9.04
N LYS C 19 35.78 13.87 9.55
CA LYS C 19 35.77 14.23 10.96
C LYS C 19 34.64 15.22 11.18
N TYR C 20 34.41 16.11 10.21
CA TYR C 20 33.31 17.06 10.31
C TYR C 20 31.98 16.29 10.38
N TYR C 21 31.74 15.43 9.41
CA TYR C 21 30.50 14.67 9.42
C TYR C 21 30.35 13.78 10.63
N ILE C 22 31.46 13.23 11.12
CA ILE C 22 31.41 12.39 12.32
C ILE C 22 30.79 13.22 13.46
N GLU C 23 31.15 14.50 13.51
CA GLU C 23 30.64 15.39 14.55
C GLU C 23 29.17 15.74 14.33
N LYS C 24 28.81 16.07 13.08
CA LYS C 24 27.42 16.40 12.77
C LYS C 24 26.48 15.24 13.17
N VAL C 25 26.76 14.11 12.58
CA VAL C 25 26.01 12.90 12.80
C VAL C 25 25.89 12.52 14.29
N ALA C 26 26.92 12.78 15.08
CA ALA C 26 26.83 12.46 16.50
C ALA C 26 25.78 13.40 17.15
N LYS C 27 25.87 14.69 16.86
CA LYS C 27 24.92 15.61 17.44
C LYS C 27 23.48 15.28 17.04
N LEU C 28 23.29 14.78 15.81
CA LEU C 28 21.95 14.44 15.32
C LEU C 28 21.41 13.11 15.89
N GLY C 29 22.27 12.33 16.52
CA GLY C 29 21.79 11.09 17.10
C GLY C 29 22.12 9.79 16.43
N PHE C 30 22.73 9.79 15.26
CA PHE C 30 23.05 8.54 14.61
C PHE C 30 24.06 7.77 15.41
N ASP C 31 24.15 6.47 15.11
CA ASP C 31 25.11 5.58 15.75
C ASP C 31 26.29 5.38 14.80
N ILE C 32 26.02 5.55 13.51
CA ILE C 32 26.96 5.28 12.44
C ILE C 32 27.13 6.38 11.40
N LEU C 33 28.35 6.51 10.89
CA LEU C 33 28.59 7.44 9.80
C LEU C 33 29.16 6.48 8.77
N GLU C 34 28.71 6.57 7.53
CA GLU C 34 29.25 5.69 6.50
C GLU C 34 30.04 6.60 5.59
N ILE C 35 31.26 6.18 5.27
CA ILE C 35 32.14 6.98 4.44
C ILE C 35 32.57 6.26 3.19
N ALA C 36 33.00 7.01 2.19
CA ALA C 36 33.48 6.44 0.92
C ALA C 36 34.90 5.94 1.13
N ALA C 37 35.23 4.83 0.48
CA ALA C 37 36.56 4.25 0.63
C ALA C 37 37.68 4.91 -0.15
N SER C 38 37.35 5.58 -1.25
CA SER C 38 38.39 6.11 -2.12
C SER C 38 39.48 7.05 -1.62
N PRO C 39 39.23 7.84 -0.57
CA PRO C 39 40.36 8.68 -0.16
C PRO C 39 41.23 7.94 0.86
N LEU C 40 40.73 6.83 1.39
CA LEU C 40 41.47 6.07 2.39
C LEU C 40 42.88 5.60 1.99
N PRO C 41 43.10 5.25 0.72
CA PRO C 41 44.42 4.80 0.33
C PRO C 41 45.41 5.97 0.32
N PHE C 42 44.88 7.20 0.35
CA PHE C 42 45.72 8.39 0.34
C PHE C 42 45.96 8.94 1.74
N TYR C 43 45.50 8.22 2.77
CA TYR C 43 45.69 8.63 4.15
C TYR C 43 47.01 8.07 4.72
N SER C 44 47.63 8.88 5.57
CA SER C 44 48.86 8.48 6.25
C SER C 44 48.38 7.73 7.47
N ASP C 45 49.24 6.94 8.10
CA ASP C 45 48.80 6.23 9.30
C ASP C 45 48.37 7.26 10.34
N ILE C 46 48.99 8.44 10.30
CA ILE C 46 48.61 9.50 11.23
C ILE C 46 47.13 9.81 11.05
N GLN C 47 46.69 10.05 9.80
CA GLN C 47 45.27 10.35 9.51
C GLN C 47 44.33 9.18 9.91
N ILE C 48 44.68 7.97 9.52
CA ILE C 48 43.86 6.83 9.90
C ILE C 48 43.65 6.87 11.41
N ASN C 49 44.75 7.00 12.15
CA ASN C 49 44.70 7.04 13.61
C ASN C 49 43.77 8.10 14.14
N GLU C 50 43.85 9.30 13.59
CA GLU C 50 42.98 10.32 14.13
C GLU C 50 41.54 10.21 13.72
N LEU C 51 41.28 9.63 12.56
CA LEU C 51 39.90 9.44 12.12
C LEU C 51 39.33 8.48 13.13
N LYS C 52 40.06 7.42 13.42
CA LYS C 52 39.62 6.41 14.39
C LYS C 52 39.30 7.06 15.74
N ALA C 53 40.26 7.83 16.24
CA ALA C 53 40.10 8.49 17.52
C ALA C 53 38.93 9.45 17.50
N CYS C 54 38.72 10.15 16.39
CA CYS C 54 37.60 11.08 16.33
C CYS C 54 36.25 10.33 16.44
N ALA C 55 36.10 9.26 15.67
CA ALA C 55 34.89 8.48 15.73
C ALA C 55 34.73 7.91 17.16
N HIS C 56 35.80 7.33 17.71
CA HIS C 56 35.73 6.78 19.07
C HIS C 56 35.33 7.85 20.07
N GLY C 57 35.89 9.05 19.91
CA GLY C 57 35.58 10.13 20.82
C GLY C 57 34.15 10.62 20.76
N ASN C 58 33.52 10.44 19.61
CA ASN C 58 32.16 10.89 19.43
C ASN C 58 31.12 9.81 19.49
N GLY C 59 31.51 8.61 19.91
CA GLY C 59 30.56 7.53 20.00
C GLY C 59 30.03 7.02 18.66
N ILE C 60 30.66 7.42 17.57
CA ILE C 60 30.25 7.01 16.23
C ILE C 60 30.95 5.76 15.68
N THR C 61 30.18 4.88 15.07
CA THR C 61 30.79 3.71 14.46
C THR C 61 30.92 4.07 12.98
N LEU C 62 32.00 3.58 12.35
CA LEU C 62 32.26 3.86 10.94
C LEU C 62 32.06 2.64 10.04
N THR C 63 31.32 2.83 8.96
CA THR C 63 31.10 1.75 7.98
C THR C 63 31.56 2.29 6.64
N VAL C 64 31.92 1.42 5.72
CA VAL C 64 32.42 1.93 4.46
C VAL C 64 31.66 1.50 3.21
N GLY C 65 31.53 2.42 2.28
CA GLY C 65 30.88 2.10 1.03
C GLY C 65 31.90 2.31 -0.07
N HIS C 66 31.72 1.63 -1.20
CA HIS C 66 32.64 1.82 -2.32
C HIS C 66 32.10 1.38 -3.69
N GLY C 67 32.21 2.29 -4.64
CA GLY C 67 31.81 2.03 -6.00
C GLY C 67 33.13 1.87 -6.75
N PRO C 68 33.56 0.64 -7.02
CA PRO C 68 34.82 0.38 -7.72
C PRO C 68 34.94 0.95 -9.12
N SER C 69 36.14 1.39 -9.46
CA SER C 69 36.41 1.92 -10.77
C SER C 69 36.65 0.72 -11.66
N ALA C 70 36.53 0.92 -12.96
CA ALA C 70 36.77 -0.16 -13.92
C ALA C 70 38.11 -0.85 -13.62
N GLU C 71 39.09 -0.08 -13.16
CA GLU C 71 40.39 -0.63 -12.86
C GLU C 71 40.51 -1.44 -11.59
N GLN C 72 39.44 -1.48 -10.80
CA GLN C 72 39.47 -2.22 -9.54
C GLN C 72 38.47 -3.38 -9.64
N ASN C 73 38.11 -3.72 -10.87
CA ASN C 73 37.13 -4.74 -11.18
C ASN C 73 37.49 -6.19 -10.99
N LEU C 74 37.17 -6.75 -9.84
CA LEU C 74 37.47 -8.14 -9.58
C LEU C 74 36.89 -9.15 -10.60
N SER C 75 35.89 -8.75 -11.39
CA SER C 75 35.28 -9.65 -12.35
C SER C 75 35.86 -9.51 -13.76
N SER C 76 36.81 -8.59 -13.94
CA SER C 76 37.37 -8.36 -15.27
C SER C 76 38.03 -9.53 -15.98
N PRO C 77 37.88 -9.61 -17.31
CA PRO C 77 38.50 -10.71 -18.07
C PRO C 77 40.02 -10.46 -18.08
N ASP C 78 40.40 -9.19 -18.05
CA ASP C 78 41.81 -8.81 -18.03
C ASP C 78 42.45 -9.20 -16.70
N PRO C 79 43.29 -10.25 -16.70
CA PRO C 79 43.97 -10.76 -15.50
C PRO C 79 44.80 -9.71 -14.76
N ASP C 80 45.25 -8.69 -15.47
CA ASP C 80 46.03 -7.65 -14.81
C ASP C 80 45.10 -6.78 -13.96
N ILE C 81 43.96 -6.40 -14.52
CA ILE C 81 43.02 -5.61 -13.75
C ILE C 81 42.62 -6.41 -12.50
N ARG C 82 42.36 -7.70 -12.65
CA ARG C 82 41.98 -8.48 -11.48
C ARG C 82 43.09 -8.52 -10.45
N LYS C 83 44.33 -8.54 -10.95
CA LYS C 83 45.51 -8.54 -10.08
C LYS C 83 45.54 -7.22 -9.29
N ASN C 84 45.41 -6.11 -10.00
CA ASN C 84 45.38 -4.80 -9.35
C ASN C 84 44.18 -4.66 -8.41
N ALA C 85 43.05 -5.25 -8.79
CA ALA C 85 41.86 -5.18 -7.98
C ALA C 85 42.11 -5.85 -6.65
N LYS C 86 42.71 -7.03 -6.68
CA LYS C 86 42.99 -7.75 -5.44
C LYS C 86 43.95 -6.96 -4.55
N ALA C 87 44.98 -6.39 -5.14
CA ALA C 87 45.95 -5.58 -4.38
C ALA C 87 45.21 -4.45 -3.68
N PHE C 88 44.34 -3.78 -4.44
CA PHE C 88 43.56 -2.65 -3.91
C PHE C 88 42.71 -2.97 -2.68
N TYR C 89 41.99 -4.09 -2.70
CA TYR C 89 41.16 -4.45 -1.57
C TYR C 89 42.02 -4.95 -0.44
N THR C 90 43.14 -5.58 -0.80
CA THR C 90 44.02 -6.11 0.25
C THR C 90 44.51 -4.91 1.06
N ASP C 91 45.04 -3.90 0.37
CA ASP C 91 45.50 -2.67 1.02
C ASP C 91 44.36 -2.01 1.79
N LEU C 92 43.22 -1.83 1.11
CA LEU C 92 42.06 -1.21 1.72
C LEU C 92 41.57 -1.92 2.97
N LEU C 93 41.40 -3.23 2.88
CA LEU C 93 40.95 -3.97 4.03
C LEU C 93 41.94 -3.77 5.17
N LYS C 94 43.23 -3.73 4.86
CA LYS C 94 44.23 -3.50 5.91
C LYS C 94 43.98 -2.17 6.62
N ARG C 95 43.71 -1.12 5.84
CA ARG C 95 43.43 0.16 6.42
C ARG C 95 42.16 0.11 7.26
N LEU C 96 41.16 -0.64 6.79
CA LEU C 96 39.91 -0.73 7.54
C LEU C 96 40.21 -1.33 8.90
N TYR C 97 41.12 -2.28 8.94
CA TYR C 97 41.48 -2.90 10.21
C TYR C 97 42.08 -1.84 11.15
N LYS C 98 42.98 -1.01 10.62
CA LYS C 98 43.61 0.06 11.39
C LYS C 98 42.58 1.03 11.88
N LEU C 99 41.58 1.29 11.04
CA LEU C 99 40.50 2.22 11.35
C LEU C 99 39.44 1.61 12.30
N ASP C 100 39.60 0.33 12.61
CA ASP C 100 38.65 -0.40 13.45
C ASP C 100 37.25 -0.40 12.80
N VAL C 101 37.22 -0.56 11.48
CA VAL C 101 35.99 -0.61 10.67
C VAL C 101 35.73 -2.07 10.36
N HIS C 102 34.53 -2.55 10.67
CA HIS C 102 34.28 -3.97 10.46
C HIS C 102 33.31 -4.31 9.35
N LEU C 103 33.04 -3.34 8.48
CA LEU C 103 32.12 -3.57 7.37
C LEU C 103 32.35 -2.74 6.11
N ILE C 104 32.42 -3.41 4.97
CA ILE C 104 32.53 -2.65 3.74
C ILE C 104 31.46 -3.17 2.78
N GLY C 105 30.82 -2.25 2.06
CA GLY C 105 29.77 -2.64 1.11
C GLY C 105 29.65 -1.87 -0.21
N GLY C 106 28.97 -2.49 -1.18
CA GLY C 106 28.74 -1.87 -2.48
C GLY C 106 28.85 -2.88 -3.62
N ALA C 107 29.08 -2.43 -4.83
CA ALA C 107 29.18 -3.37 -5.94
C ALA C 107 30.60 -3.96 -5.96
N LEU C 108 31.01 -4.45 -4.78
CA LEU C 108 32.37 -4.98 -4.62
C LEU C 108 32.74 -6.14 -5.52
N TYR C 109 31.76 -6.74 -6.18
CA TYR C 109 31.99 -7.89 -7.04
C TYR C 109 32.13 -7.47 -8.50
N SER C 110 32.00 -6.18 -8.74
CA SER C 110 32.02 -5.63 -10.09
C SER C 110 32.60 -4.21 -9.98
N TYR C 111 32.11 -3.26 -10.78
CA TYR C 111 32.58 -1.89 -10.70
C TYR C 111 31.33 -1.03 -10.89
N TRP C 112 31.45 0.27 -10.61
CA TRP C 112 30.29 1.17 -10.66
C TRP C 112 30.73 2.62 -10.89
N PRO C 113 30.04 3.36 -11.75
CA PRO C 113 28.87 2.93 -12.53
C PRO C 113 29.41 2.04 -13.64
N ILE C 114 28.53 1.25 -14.22
CA ILE C 114 28.91 0.35 -15.27
C ILE C 114 28.82 1.00 -16.64
N ASP C 115 29.73 0.59 -17.53
CA ASP C 115 29.75 1.12 -18.88
C ASP C 115 28.97 0.19 -19.80
N TYR C 116 27.77 0.63 -20.18
CA TYR C 116 26.92 -0.18 -21.04
C TYR C 116 27.21 -0.10 -22.53
N THR C 117 28.06 0.84 -22.94
CA THR C 117 28.43 0.95 -24.35
C THR C 117 29.29 -0.29 -24.61
N LYS C 118 29.83 -0.84 -23.54
CA LYS C 118 30.67 -2.03 -23.58
C LYS C 118 29.79 -3.25 -23.84
N THR C 119 30.40 -4.38 -24.18
CA THR C 119 29.69 -5.64 -24.42
C THR C 119 29.70 -6.46 -23.12
N ILE C 120 28.52 -6.85 -22.66
CA ILE C 120 28.37 -7.59 -21.41
C ILE C 120 28.55 -9.11 -21.49
N ASP C 121 29.41 -9.65 -20.62
CA ASP C 121 29.59 -11.10 -20.54
C ASP C 121 29.31 -11.53 -19.10
N LYS C 122 28.02 -11.60 -18.80
CA LYS C 122 27.58 -11.92 -17.46
C LYS C 122 28.08 -13.25 -16.95
N LYS C 123 27.90 -14.28 -17.77
CA LYS C 123 28.29 -15.60 -17.35
C LYS C 123 29.78 -15.62 -17.04
N GLY C 124 30.55 -14.93 -17.89
CA GLY C 124 31.99 -14.85 -17.69
C GLY C 124 32.35 -14.07 -16.42
N ASP C 125 31.87 -12.84 -16.35
CA ASP C 125 32.17 -12.00 -15.19
C ASP C 125 31.72 -12.66 -13.89
N TRP C 126 30.56 -13.31 -13.93
CA TRP C 126 30.05 -13.98 -12.74
C TRP C 126 31.03 -15.01 -12.19
N GLU C 127 31.58 -15.85 -13.07
CA GLU C 127 32.53 -16.87 -12.61
C GLU C 127 33.84 -16.23 -12.13
N ARG C 128 34.41 -15.35 -12.94
CA ARG C 128 35.64 -14.66 -12.52
C ARG C 128 35.43 -13.95 -11.19
N SER C 129 34.31 -13.25 -11.08
CA SER C 129 33.97 -12.50 -9.86
C SER C 129 33.88 -13.40 -8.63
N VAL C 130 33.12 -14.47 -8.73
CA VAL C 130 32.98 -15.36 -7.60
C VAL C 130 34.38 -15.82 -7.14
N GLU C 131 35.23 -16.12 -8.12
CA GLU C 131 36.58 -16.59 -7.86
C GLU C 131 37.39 -15.52 -7.13
N SER C 132 37.45 -14.32 -7.71
CA SER C 132 38.18 -13.20 -7.09
C SER C 132 37.70 -12.85 -5.67
N VAL C 133 36.38 -12.81 -5.46
CA VAL C 133 35.85 -12.45 -4.15
C VAL C 133 36.24 -13.42 -3.05
N ARG C 134 36.25 -14.71 -3.36
CA ARG C 134 36.61 -15.72 -2.39
C ARG C 134 38.04 -15.45 -1.90
N GLU C 135 38.95 -15.09 -2.80
CA GLU C 135 40.32 -14.79 -2.41
C GLU C 135 40.33 -13.58 -1.49
N VAL C 136 39.69 -12.50 -1.92
CA VAL C 136 39.64 -11.26 -1.13
C VAL C 136 39.06 -11.52 0.24
N ALA C 137 38.07 -12.41 0.29
CA ALA C 137 37.41 -12.75 1.54
C ALA C 137 38.41 -13.28 2.56
N LYS C 138 39.48 -13.89 2.07
CA LYS C 138 40.50 -14.41 2.97
C LYS C 138 41.05 -13.23 3.75
N VAL C 139 41.41 -12.18 3.01
CA VAL C 139 41.94 -10.97 3.62
C VAL C 139 40.92 -10.30 4.53
N ALA C 140 39.68 -10.25 4.07
CA ALA C 140 38.61 -9.63 4.84
C ALA C 140 38.48 -10.31 6.20
N GLU C 141 38.48 -11.65 6.16
CA GLU C 141 38.36 -12.46 7.38
C GLU C 141 39.49 -12.01 8.31
N ALA C 142 40.70 -12.05 7.78
CA ALA C 142 41.90 -11.66 8.50
C ALA C 142 41.75 -10.27 9.10
N CYS C 143 41.17 -9.34 8.35
CA CYS C 143 41.04 -7.96 8.84
C CYS C 143 39.80 -7.67 9.67
N GLY C 144 39.06 -8.73 10.00
CA GLY C 144 37.87 -8.54 10.81
C GLY C 144 36.78 -7.76 10.08
N VAL C 145 36.77 -7.83 8.76
CA VAL C 145 35.76 -7.10 7.98
C VAL C 145 34.73 -7.94 7.22
N ASP C 146 33.46 -7.54 7.30
CA ASP C 146 32.40 -8.22 6.54
C ASP C 146 32.39 -7.56 5.17
N PHE C 147 32.63 -8.35 4.14
CA PHE C 147 32.65 -7.89 2.76
C PHE C 147 31.20 -8.00 2.22
N CYS C 148 30.44 -6.90 2.24
CA CYS C 148 29.05 -6.92 1.79
C CYS C 148 28.74 -6.61 0.31
N LEU C 149 28.17 -7.60 -0.38
CA LEU C 149 27.84 -7.47 -1.79
C LEU C 149 26.44 -6.91 -1.93
N GLU C 150 26.36 -5.69 -2.40
CA GLU C 150 25.08 -5.03 -2.55
C GLU C 150 24.37 -5.41 -3.86
N VAL C 151 23.07 -5.69 -3.75
CA VAL C 151 22.26 -6.06 -4.90
C VAL C 151 21.81 -4.75 -5.50
N LEU C 152 22.06 -4.52 -6.78
CA LEU C 152 21.68 -3.27 -7.40
C LEU C 152 20.70 -3.43 -8.57
N ASN C 153 19.99 -2.35 -8.92
CA ASN C 153 19.07 -2.46 -9.99
C ASN C 153 19.80 -2.64 -11.33
N ARG C 154 19.05 -3.09 -12.32
CA ARG C 154 19.56 -3.39 -13.67
C ARG C 154 20.33 -2.25 -14.33
N PHE C 155 20.01 -1.01 -14.04
CA PHE C 155 20.72 0.07 -14.71
C PHE C 155 22.10 0.38 -14.11
N GLU C 156 22.40 -0.17 -12.94
CA GLU C 156 23.66 0.10 -12.29
C GLU C 156 24.61 -1.12 -12.19
N ASN C 157 24.10 -2.29 -12.57
CA ASN C 157 24.86 -3.54 -12.57
C ASN C 157 24.02 -4.59 -13.31
N TYR C 158 24.69 -5.60 -13.87
CA TYR C 158 24.02 -6.67 -14.60
C TYR C 158 24.31 -8.03 -13.98
N LEU C 159 25.17 -8.03 -12.97
CA LEU C 159 25.54 -9.27 -12.31
C LEU C 159 24.56 -9.75 -11.25
N ILE C 160 24.21 -8.86 -10.31
CA ILE C 160 23.31 -9.19 -9.18
C ILE C 160 22.22 -8.15 -9.02
N ASN C 161 21.00 -8.49 -9.44
CA ASN C 161 19.87 -7.58 -9.38
C ASN C 161 18.75 -7.96 -8.43
N THR C 162 18.77 -9.17 -7.86
CA THR C 162 17.73 -9.54 -6.88
C THR C 162 18.40 -10.19 -5.71
N ALA C 163 17.71 -10.23 -4.58
CA ALA C 163 18.26 -10.86 -3.40
C ALA C 163 18.57 -12.36 -3.66
N GLN C 164 17.75 -13.03 -4.47
CA GLN C 164 17.97 -14.43 -4.78
C GLN C 164 19.32 -14.58 -5.49
N GLU C 165 19.60 -13.66 -6.41
CA GLU C 165 20.87 -13.71 -7.11
C GLU C 165 22.02 -13.47 -6.10
N GLY C 166 21.81 -12.51 -5.20
CA GLY C 166 22.80 -12.20 -4.19
C GLY C 166 23.13 -13.43 -3.37
N VAL C 167 22.08 -14.08 -2.87
CA VAL C 167 22.25 -15.30 -2.12
C VAL C 167 22.96 -16.38 -2.95
N ASP C 168 22.60 -16.53 -4.21
CA ASP C 168 23.26 -17.55 -5.03
C ASP C 168 24.75 -17.27 -5.16
N PHE C 169 25.07 -16.01 -5.41
CA PHE C 169 26.45 -15.58 -5.58
C PHE C 169 27.23 -15.78 -4.29
N VAL C 170 26.65 -15.41 -3.15
CA VAL C 170 27.33 -15.54 -1.89
C VAL C 170 27.58 -17.04 -1.56
N LYS C 171 26.53 -17.86 -1.65
CA LYS C 171 26.65 -19.29 -1.38
C LYS C 171 27.75 -19.90 -2.24
N GLN C 172 27.76 -19.54 -3.51
CA GLN C 172 28.73 -20.06 -4.43
C GLN C 172 30.17 -19.63 -4.03
N VAL C 173 30.29 -18.40 -3.50
CA VAL C 173 31.58 -17.92 -3.03
C VAL C 173 31.91 -18.80 -1.85
N ASP C 174 30.90 -19.01 -1.02
CA ASP C 174 31.00 -19.87 0.17
C ASP C 174 32.10 -19.49 1.17
N HIS C 175 32.01 -18.30 1.74
CA HIS C 175 32.95 -17.85 2.76
C HIS C 175 32.28 -16.97 3.81
N ASN C 176 32.55 -17.29 5.05
CA ASN C 176 32.00 -16.63 6.23
C ASN C 176 31.90 -15.11 6.14
N ASN C 177 32.96 -14.46 5.68
CA ASN C 177 32.98 -13.00 5.62
C ASN C 177 32.26 -12.28 4.47
N VAL C 178 31.70 -13.04 3.53
CA VAL C 178 30.97 -12.46 2.40
C VAL C 178 29.47 -12.50 2.68
N LYS C 179 28.86 -11.33 2.73
CA LYS C 179 27.44 -11.23 3.02
C LYS C 179 26.65 -10.61 1.90
N VAL C 180 25.33 -10.61 2.04
CA VAL C 180 24.47 -9.96 1.07
C VAL C 180 24.06 -8.62 1.67
N MET C 181 23.96 -7.61 0.81
CA MET C 181 23.53 -6.27 1.22
C MET C 181 22.32 -5.88 0.34
N LEU C 182 21.24 -5.44 0.96
CA LEU C 182 20.05 -5.03 0.20
C LEU C 182 19.92 -3.52 0.39
N ASP C 183 19.22 -2.87 -0.53
CA ASP C 183 19.02 -1.40 -0.49
C ASP C 183 17.57 -1.11 -0.94
N THR C 184 16.76 -0.52 -0.08
CA THR C 184 15.35 -0.25 -0.43
C THR C 184 15.17 0.44 -1.80
N PHE C 185 16.10 1.33 -2.17
CA PHE C 185 16.00 2.01 -3.47
C PHE C 185 16.10 0.98 -4.61
N HIS C 186 17.03 0.04 -4.48
CA HIS C 186 17.23 -0.96 -5.52
C HIS C 186 16.19 -2.07 -5.52
N MET C 187 15.76 -2.49 -4.34
CA MET C 187 14.74 -3.54 -4.21
C MET C 187 13.42 -3.06 -4.82
N ASN C 188 13.19 -1.76 -4.74
CA ASN C 188 11.98 -1.17 -5.27
C ASN C 188 11.79 -1.33 -6.78
N ILE C 189 12.90 -1.45 -7.49
CA ILE C 189 12.86 -1.60 -8.93
C ILE C 189 12.73 -3.08 -9.29
N GLU C 190 13.63 -3.90 -8.77
CA GLU C 190 13.72 -5.30 -9.16
C GLU C 190 12.92 -6.40 -8.50
N GLU C 191 12.56 -6.23 -7.21
CA GLU C 191 11.87 -7.27 -6.46
C GLU C 191 10.37 -7.45 -6.57
N ASP C 192 9.93 -8.71 -6.61
CA ASP C 192 8.51 -9.00 -6.66
C ASP C 192 7.91 -8.60 -5.31
N SER C 193 8.65 -8.91 -4.24
CA SER C 193 8.20 -8.63 -2.86
C SER C 193 9.38 -8.05 -2.05
N ILE C 194 9.10 -7.01 -1.25
CA ILE C 194 10.15 -6.41 -0.44
C ILE C 194 10.39 -7.28 0.77
N GLY C 195 9.32 -7.67 1.43
CA GLY C 195 9.46 -8.53 2.61
C GLY C 195 10.04 -9.86 2.17
N GLY C 196 9.58 -10.30 1.00
CA GLY C 196 10.10 -11.54 0.47
C GLY C 196 11.58 -11.47 0.16
N ALA C 197 12.08 -10.34 -0.32
CA ALA C 197 13.50 -10.24 -0.66
C ALA C 197 14.34 -10.35 0.62
N ILE C 198 13.88 -9.67 1.67
CA ILE C 198 14.58 -9.68 2.93
C ILE C 198 14.61 -11.09 3.46
N ARG C 199 13.45 -11.72 3.50
CA ARG C 199 13.37 -13.09 3.97
C ARG C 199 14.26 -13.98 3.14
N THR C 200 14.34 -13.78 1.82
CA THR C 200 15.23 -14.60 1.00
C THR C 200 16.69 -14.38 1.42
N ALA C 201 17.04 -13.12 1.69
CA ALA C 201 18.40 -12.77 2.14
C ALA C 201 18.67 -13.54 3.42
N GLY C 202 17.69 -13.54 4.32
CA GLY C 202 17.81 -14.28 5.57
C GLY C 202 19.09 -14.07 6.36
N SER C 203 19.67 -15.18 6.78
CA SER C 203 20.89 -15.10 7.57
C SER C 203 22.03 -14.46 6.79
N TYR C 204 21.97 -14.47 5.47
CA TYR C 204 23.05 -13.88 4.69
C TYR C 204 23.05 -12.37 4.68
N LEU C 205 21.96 -11.75 5.10
CA LEU C 205 21.90 -10.30 5.09
C LEU C 205 22.93 -9.70 6.05
N GLY C 206 23.86 -8.92 5.50
CA GLY C 206 24.89 -8.34 6.34
C GLY C 206 24.89 -6.82 6.49
N HIS C 207 24.09 -6.11 5.69
CA HIS C 207 24.01 -4.66 5.76
C HIS C 207 22.77 -4.22 5.00
N LEU C 208 22.16 -3.10 5.43
CA LEU C 208 20.97 -2.59 4.79
C LEU C 208 21.03 -1.10 4.53
N HIS C 209 20.82 -0.73 3.27
CA HIS C 209 20.78 0.67 2.85
C HIS C 209 19.31 1.09 2.71
N THR C 210 19.00 2.32 3.09
CA THR C 210 17.65 2.79 3.00
C THR C 210 17.53 4.14 2.32
N GLY C 211 16.42 4.28 1.62
CA GLY C 211 16.09 5.50 0.90
C GLY C 211 14.74 5.26 0.26
N GLU C 212 14.08 6.35 -0.14
CA GLU C 212 12.77 6.26 -0.76
C GLU C 212 12.95 5.90 -2.23
N CYS C 213 11.83 5.71 -2.93
CA CYS C 213 11.89 5.28 -4.34
C CYS C 213 12.75 6.17 -5.22
N ASN C 214 12.70 7.47 -4.95
CA ASN C 214 13.48 8.46 -5.69
C ASN C 214 14.66 8.96 -4.85
N ARG C 215 15.09 8.16 -3.87
CA ARG C 215 16.26 8.46 -3.04
C ARG C 215 16.14 9.54 -1.97
N LYS C 216 14.91 9.97 -1.63
CA LYS C 216 14.72 10.98 -0.59
C LYS C 216 14.91 10.34 0.77
N VAL C 217 14.91 11.15 1.83
CA VAL C 217 15.09 10.52 3.15
C VAL C 217 13.93 9.59 3.45
N PRO C 218 14.19 8.52 4.17
CA PRO C 218 13.17 7.54 4.53
C PRO C 218 11.95 8.12 5.23
N GLY C 219 10.76 7.61 4.89
CA GLY C 219 9.56 8.07 5.57
C GLY C 219 8.40 8.75 4.88
N ARG C 220 8.61 9.65 3.93
CA ARG C 220 7.47 10.33 3.35
C ARG C 220 7.22 9.89 1.92
N GLY C 221 7.82 8.77 1.51
CA GLY C 221 7.67 8.28 0.15
C GLY C 221 6.82 7.03 0.12
N ARG C 222 7.02 6.20 -0.88
CA ARG C 222 6.23 5.00 -1.01
C ARG C 222 6.89 3.73 -0.52
N ILE C 223 8.12 3.79 -0.06
CA ILE C 223 8.72 2.56 0.42
C ILE C 223 7.91 1.90 1.55
N PRO C 224 7.73 0.59 1.52
CA PRO C 224 6.93 0.00 2.61
C PRO C 224 7.72 -0.30 3.92
N TRP C 225 8.04 0.77 4.63
CA TRP C 225 8.80 0.64 5.87
C TRP C 225 8.24 -0.36 6.89
N VAL C 226 6.94 -0.30 7.16
CA VAL C 226 6.40 -1.22 8.13
C VAL C 226 6.62 -2.68 7.75
N GLU C 227 6.50 -2.99 6.46
CA GLU C 227 6.72 -4.35 5.96
C GLU C 227 8.22 -4.72 6.14
N ILE C 228 9.11 -3.75 5.90
CA ILE C 228 10.54 -3.97 6.06
C ILE C 228 10.82 -4.28 7.57
N GLY C 229 10.30 -3.48 8.48
CA GLY C 229 10.51 -3.74 9.90
C GLY C 229 10.11 -5.16 10.24
N GLU C 230 8.94 -5.59 9.75
CA GLU C 230 8.46 -6.94 10.02
C GLU C 230 9.43 -7.99 9.54
N ALA C 231 9.85 -7.86 8.28
CA ALA C 231 10.75 -8.84 7.68
C ALA C 231 12.09 -8.90 8.43
N LEU C 232 12.66 -7.74 8.74
CA LEU C 232 13.94 -7.70 9.45
C LEU C 232 13.81 -8.51 10.74
N ALA C 233 12.69 -8.32 11.44
CA ALA C 233 12.44 -9.06 12.68
C ALA C 233 12.24 -10.51 12.33
N ASP C 234 11.57 -10.79 11.22
CA ASP C 234 11.35 -12.20 10.89
C ASP C 234 12.68 -12.92 10.77
N ILE C 235 13.68 -12.25 10.19
CA ILE C 235 14.98 -12.89 10.02
C ILE C 235 15.93 -12.59 11.19
N GLY C 236 15.43 -11.92 12.23
CA GLY C 236 16.30 -11.63 13.35
C GLY C 236 17.50 -10.79 12.97
N TYR C 237 17.27 -9.80 12.11
CA TYR C 237 18.35 -8.93 11.68
C TYR C 237 18.82 -8.08 12.85
N ASN C 238 20.11 -8.13 13.13
CA ASN C 238 20.66 -7.33 14.22
C ASN C 238 21.64 -6.29 13.65
N GLY C 239 21.97 -6.42 12.36
CA GLY C 239 22.90 -5.51 11.71
C GLY C 239 22.55 -4.05 11.79
N SER C 240 23.16 -3.28 10.91
CA SER C 240 22.91 -1.86 10.90
C SER C 240 22.08 -1.44 9.72
N VAL C 241 21.53 -0.26 9.82
CA VAL C 241 20.68 0.26 8.78
C VAL C 241 21.21 1.66 8.49
N VAL C 242 21.71 1.88 7.27
CA VAL C 242 22.24 3.16 6.89
C VAL C 242 21.42 3.87 5.79
N MET C 243 20.94 5.08 6.05
CA MET C 243 20.20 5.74 4.98
C MET C 243 21.23 6.40 4.05
N GLU C 244 20.91 6.42 2.78
CA GLU C 244 21.82 6.94 1.76
C GLU C 244 21.00 7.84 0.83
N PRO C 245 20.38 8.88 1.40
CA PRO C 245 19.59 9.74 0.52
C PRO C 245 20.45 10.63 -0.38
N PHE C 246 19.94 10.92 -1.57
CA PHE C 246 20.64 11.76 -2.53
C PHE C 246 19.57 12.70 -3.05
N VAL C 247 19.65 13.97 -2.69
CA VAL C 247 18.64 14.92 -3.08
C VAL C 247 19.18 16.19 -3.76
N ARG C 248 20.47 16.21 -4.06
CA ARG C 248 21.10 17.36 -4.69
C ARG C 248 21.74 17.13 -6.04
N MET C 249 21.56 18.08 -6.95
CA MET C 249 22.19 17.96 -8.27
C MET C 249 23.70 18.33 -8.21
N GLY C 250 24.40 18.19 -9.35
CA GLY C 250 25.81 18.54 -9.48
C GLY C 250 26.90 17.66 -8.90
N GLY C 251 28.07 17.66 -9.55
CA GLY C 251 29.21 16.89 -9.07
C GLY C 251 29.31 15.42 -9.49
N THR C 252 30.40 14.77 -9.10
CA THR C 252 30.55 13.35 -9.43
C THR C 252 29.34 12.58 -8.87
N VAL C 253 28.95 12.92 -7.66
CA VAL C 253 27.83 12.28 -7.00
C VAL C 253 26.50 12.51 -7.71
N GLY C 254 26.18 13.78 -7.98
CA GLY C 254 24.95 14.07 -8.65
C GLY C 254 24.86 13.32 -9.97
N SER C 255 25.98 13.32 -10.70
CA SER C 255 26.05 12.67 -11.98
C SER C 255 25.95 11.15 -11.88
N ASN C 256 26.75 10.54 -11.01
CA ASN C 256 26.74 9.10 -10.84
C ASN C 256 25.38 8.63 -10.37
N ILE C 257 24.74 9.41 -9.50
CA ILE C 257 23.43 9.08 -8.94
C ILE C 257 22.31 9.49 -9.90
N LYS C 258 22.64 10.29 -10.89
CA LYS C 258 21.68 10.77 -11.89
C LYS C 258 20.54 11.58 -11.29
N VAL C 259 20.92 12.61 -10.55
CA VAL C 259 19.95 13.51 -9.92
C VAL C 259 19.86 14.68 -10.89
N TRP C 260 18.79 14.72 -11.67
CA TRP C 260 18.63 15.76 -12.68
C TRP C 260 17.63 16.84 -12.36
N ARG C 261 17.25 16.98 -11.10
CA ARG C 261 16.29 18.01 -10.67
C ARG C 261 16.61 18.19 -9.21
N ASP C 262 16.33 19.36 -8.65
CA ASP C 262 16.65 19.55 -7.25
C ASP C 262 15.57 18.93 -6.38
N ILE C 263 15.76 17.65 -6.07
CA ILE C 263 14.83 16.92 -5.24
C ILE C 263 14.84 17.44 -3.80
N SER C 264 15.87 18.17 -3.40
CA SER C 264 15.92 18.68 -2.02
C SER C 264 15.09 19.94 -1.89
N ASN C 265 14.68 20.47 -3.02
CA ASN C 265 13.90 21.68 -3.07
C ASN C 265 14.56 22.88 -2.34
N GLY C 266 15.83 23.14 -2.64
CA GLY C 266 16.50 24.25 -2.00
C GLY C 266 16.88 24.05 -0.54
N ALA C 267 16.96 22.81 -0.07
CA ALA C 267 17.32 22.60 1.32
C ALA C 267 18.75 23.11 1.57
N ASP C 268 18.95 23.83 2.68
CA ASP C 268 20.28 24.30 3.02
C ASP C 268 20.83 23.32 4.04
N GLU C 269 22.08 23.46 4.44
CA GLU C 269 22.61 22.51 5.39
C GLU C 269 21.72 22.28 6.63
N LYS C 270 21.25 23.34 7.28
CA LYS C 270 20.42 23.15 8.47
C LYS C 270 19.15 22.35 8.14
N MET C 271 18.56 22.66 6.98
CA MET C 271 17.36 21.97 6.57
C MET C 271 17.71 20.48 6.38
N LEU C 272 18.76 20.21 5.61
CA LEU C 272 19.19 18.83 5.38
C LEU C 272 19.35 18.11 6.70
N ASP C 273 20.05 18.73 7.65
CA ASP C 273 20.24 18.08 8.94
C ASP C 273 18.89 17.76 9.60
N ARG C 274 17.96 18.71 9.53
CA ARG C 274 16.65 18.50 10.17
C ARG C 274 15.93 17.25 9.65
N GLU C 275 15.80 17.16 8.32
CA GLU C 275 15.15 16.01 7.70
C GLU C 275 15.86 14.68 7.97
N ALA C 276 17.17 14.69 7.93
CA ALA C 276 17.91 13.49 8.21
C ALA C 276 17.56 13.08 9.63
N GLN C 277 17.57 14.03 10.56
CA GLN C 277 17.25 13.66 11.96
C GLN C 277 15.82 13.11 12.11
N ALA C 278 14.84 13.80 11.52
CA ALA C 278 13.46 13.34 11.57
C ALA C 278 13.38 11.92 10.97
N ALA C 279 14.04 11.70 9.83
CA ALA C 279 14.07 10.40 9.17
C ALA C 279 14.72 9.38 10.09
N LEU C 280 15.71 9.83 10.86
CA LEU C 280 16.35 8.89 11.80
C LEU C 280 15.34 8.57 12.89
N ASP C 281 14.57 9.56 13.34
CA ASP C 281 13.57 9.23 14.35
C ASP C 281 12.54 8.23 13.77
N PHE C 282 12.08 8.49 12.55
CA PHE C 282 11.14 7.60 11.87
C PHE C 282 11.64 6.17 11.82
N SER C 283 12.87 6.01 11.33
CA SER C 283 13.48 4.71 11.18
C SER C 283 13.57 3.90 12.45
N ARG C 284 13.93 4.54 13.57
CA ARG C 284 14.04 3.80 14.85
C ARG C 284 12.65 3.38 15.29
N TYR C 285 11.70 4.29 15.12
CA TYR C 285 10.31 4.02 15.50
C TYR C 285 9.70 2.91 14.67
N VAL C 286 9.71 3.09 13.36
CA VAL C 286 9.10 2.12 12.48
C VAL C 286 9.82 0.82 12.24
N LEU C 287 11.13 0.86 12.05
CA LEU C 287 11.87 -0.36 11.75
C LEU C 287 12.22 -1.35 12.86
N GLU C 288 12.13 -0.93 14.12
CA GLU C 288 12.53 -1.84 15.19
C GLU C 288 11.42 -2.64 15.85
N MET D 1 0.44 22.35 10.78
CA MET D 1 -0.82 21.96 11.37
C MET D 1 -0.67 21.65 12.87
N LYS D 2 -1.76 21.81 13.62
CA LYS D 2 -1.72 21.55 15.05
C LYS D 2 -2.10 20.11 15.37
N HIS D 3 -1.27 19.48 16.20
CA HIS D 3 -1.43 18.09 16.62
C HIS D 3 -1.90 17.97 18.06
N GLY D 4 -2.80 17.02 18.31
CA GLY D 4 -3.33 16.79 19.64
C GLY D 4 -3.55 15.30 19.94
N ILE D 5 -4.05 15.03 21.15
CA ILE D 5 -4.36 13.68 21.56
C ILE D 5 -5.56 13.74 22.50
N TYR D 6 -6.42 12.73 22.41
CA TYR D 6 -7.62 12.65 23.22
C TYR D 6 -7.24 12.21 24.63
N TYR D 7 -7.76 12.89 25.66
CA TYR D 7 -7.36 12.51 27.02
C TYR D 7 -7.68 11.05 27.36
N ALA D 8 -8.75 10.50 26.78
CA ALA D 8 -9.18 9.13 27.07
C ALA D 8 -8.15 8.09 26.76
N TYR D 9 -7.10 8.48 26.04
CA TYR D 9 -6.04 7.54 25.79
C TYR D 9 -5.53 7.01 27.15
N TRP D 10 -5.59 7.86 28.17
CA TRP D 10 -5.11 7.43 29.50
C TRP D 10 -6.23 7.05 30.49
N GLU D 11 -7.48 7.31 30.16
CA GLU D 11 -8.57 7.02 31.12
C GLU D 11 -9.64 6.04 30.69
N GLN D 12 -10.27 5.37 31.67
CA GLN D 12 -11.33 4.41 31.37
C GLN D 12 -12.78 4.89 31.51
N GLU D 13 -12.97 6.18 31.79
CA GLU D 13 -14.33 6.72 31.91
C GLU D 13 -14.33 8.03 31.14
N TRP D 14 -15.51 8.45 30.67
CA TRP D 14 -15.59 9.68 29.88
C TRP D 14 -15.47 10.98 30.65
N GLU D 15 -14.48 11.05 31.53
CA GLU D 15 -14.25 12.24 32.37
C GLU D 15 -12.89 12.04 33.01
N ALA D 16 -12.32 13.12 33.52
CA ALA D 16 -11.04 13.03 34.21
C ALA D 16 -10.54 14.43 34.55
N ASP D 17 -9.44 14.46 35.30
CA ASP D 17 -8.83 15.72 35.70
C ASP D 17 -8.19 16.29 34.44
N TYR D 18 -8.90 17.20 33.76
CA TYR D 18 -8.36 17.75 32.53
C TYR D 18 -7.09 18.58 32.73
N LYS D 19 -7.03 19.32 33.83
CA LYS D 19 -5.86 20.15 34.14
C LYS D 19 -4.63 19.26 34.10
N TYR D 20 -4.69 18.12 34.77
CA TYR D 20 -3.60 17.18 34.80
C TYR D 20 -3.10 16.84 33.39
N TYR D 21 -4.01 16.38 32.53
CA TYR D 21 -3.67 16.01 31.17
C TYR D 21 -3.18 17.19 30.35
N ILE D 22 -3.69 18.39 30.61
CA ILE D 22 -3.22 19.55 29.88
C ILE D 22 -1.70 19.69 30.11
N GLU D 23 -1.28 19.55 31.36
CA GLU D 23 0.13 19.66 31.71
C GLU D 23 0.91 18.47 31.19
N LYS D 24 0.28 17.31 31.09
CA LYS D 24 0.98 16.15 30.57
C LYS D 24 1.32 16.27 29.09
N VAL D 25 0.33 16.64 28.27
CA VAL D 25 0.55 16.75 26.84
C VAL D 25 1.37 17.97 26.49
N ALA D 26 1.40 18.95 27.38
CA ALA D 26 2.22 20.12 27.10
C ALA D 26 3.68 19.62 27.16
N LYS D 27 4.00 18.86 28.21
CA LYS D 27 5.34 18.31 28.34
C LYS D 27 5.67 17.33 27.23
N LEU D 28 4.72 16.47 26.85
CA LEU D 28 4.99 15.52 25.78
C LEU D 28 5.17 16.25 24.46
N GLY D 29 4.75 17.52 24.40
CA GLY D 29 4.96 18.29 23.18
C GLY D 29 3.81 18.56 22.24
N PHE D 30 2.59 18.17 22.64
CA PHE D 30 1.40 18.36 21.78
C PHE D 30 0.96 19.80 21.76
N ASP D 31 0.27 20.18 20.70
CA ASP D 31 -0.30 21.52 20.56
C ASP D 31 -1.71 21.52 21.14
N ILE D 32 -2.35 20.34 21.17
CA ILE D 32 -3.74 20.24 21.59
C ILE D 32 -4.10 19.11 22.55
N LEU D 33 -5.11 19.34 23.37
CA LEU D 33 -5.61 18.29 24.21
C LEU D 33 -7.09 18.26 23.84
N GLU D 34 -7.62 17.08 23.56
CA GLU D 34 -9.04 16.99 23.28
C GLU D 34 -9.68 16.34 24.51
N ILE D 35 -10.79 16.93 24.96
CA ILE D 35 -11.52 16.48 26.15
C ILE D 35 -12.98 16.15 25.87
N ALA D 36 -13.55 15.29 26.70
CA ALA D 36 -14.95 14.88 26.55
C ALA D 36 -15.85 16.01 27.07
N ALA D 37 -16.95 16.26 26.37
CA ALA D 37 -17.86 17.31 26.77
C ALA D 37 -18.69 16.95 28.03
N SER D 38 -18.94 15.66 28.25
CA SER D 38 -19.73 15.19 29.38
C SER D 38 -19.74 15.97 30.69
N PRO D 39 -18.56 16.18 31.30
CA PRO D 39 -18.54 16.91 32.57
C PRO D 39 -18.66 18.41 32.47
N LEU D 40 -18.52 18.94 31.26
CA LEU D 40 -18.59 20.39 31.10
C LEU D 40 -19.91 21.01 31.56
N PRO D 41 -21.05 20.29 31.41
CA PRO D 41 -22.30 20.94 31.86
C PRO D 41 -22.35 21.22 33.38
N PHE D 42 -21.61 20.42 34.14
CA PHE D 42 -21.56 20.56 35.58
C PHE D 42 -20.41 21.49 36.01
N TYR D 43 -20.11 22.54 35.23
CA TYR D 43 -19.02 23.46 35.55
C TYR D 43 -19.43 24.86 35.98
N SER D 44 -19.09 25.24 37.22
CA SER D 44 -19.39 26.58 37.70
C SER D 44 -18.54 27.50 36.84
N ASP D 45 -18.81 28.79 36.87
CA ASP D 45 -18.02 29.69 36.06
C ASP D 45 -16.59 29.79 36.55
N ILE D 46 -16.38 29.35 37.79
CA ILE D 46 -15.05 29.38 38.37
C ILE D 46 -14.27 28.25 37.74
N GLN D 47 -14.85 27.06 37.74
CA GLN D 47 -14.21 25.88 37.16
C GLN D 47 -13.84 26.14 35.69
N ILE D 48 -14.81 26.61 34.92
CA ILE D 48 -14.57 26.92 33.52
C ILE D 48 -13.29 27.73 33.36
N ASN D 49 -13.24 28.89 34.03
CA ASN D 49 -12.10 29.79 33.92
C ASN D 49 -10.74 29.23 34.29
N GLU D 50 -10.64 28.46 35.37
CA GLU D 50 -9.33 27.93 35.70
C GLU D 50 -8.87 26.98 34.59
N LEU D 51 -9.80 26.19 34.03
CA LEU D 51 -9.48 25.27 32.95
C LEU D 51 -9.01 26.07 31.75
N LYS D 52 -9.76 27.10 31.42
CA LYS D 52 -9.38 27.96 30.31
C LYS D 52 -7.99 28.52 30.58
N ALA D 53 -7.76 28.93 31.83
CA ALA D 53 -6.46 29.49 32.22
C ALA D 53 -5.38 28.44 32.26
N CYS D 54 -5.70 27.22 32.67
CA CYS D 54 -4.71 26.17 32.72
C CYS D 54 -4.20 25.88 31.31
N ALA D 55 -5.12 25.89 30.35
CA ALA D 55 -4.79 25.64 28.95
C ALA D 55 -3.88 26.75 28.45
N HIS D 56 -4.32 28.00 28.61
CA HIS D 56 -3.53 29.15 28.16
C HIS D 56 -2.13 29.18 28.76
N GLY D 57 -2.02 28.70 29.99
CA GLY D 57 -0.72 28.70 30.65
C GLY D 57 0.27 27.68 30.16
N ASN D 58 -0.23 26.56 29.66
CA ASN D 58 0.66 25.51 29.18
C ASN D 58 0.81 25.53 27.67
N GLY D 59 0.24 26.57 27.04
CA GLY D 59 0.31 26.68 25.60
C GLY D 59 -0.36 25.49 24.92
N ILE D 60 -1.51 25.08 25.42
CA ILE D 60 -2.27 23.96 24.87
C ILE D 60 -3.63 24.46 24.44
N THR D 61 -4.05 24.09 23.22
CA THR D 61 -5.36 24.48 22.73
C THR D 61 -6.32 23.35 23.08
N LEU D 62 -7.54 23.71 23.42
CA LEU D 62 -8.54 22.72 23.79
C LEU D 62 -9.58 22.48 22.69
N THR D 63 -9.82 21.20 22.37
CA THR D 63 -10.84 20.82 21.40
C THR D 63 -11.76 19.88 22.11
N VAL D 64 -13.00 19.83 21.69
CA VAL D 64 -13.94 18.96 22.38
C VAL D 64 -14.59 17.88 21.54
N GLY D 65 -14.66 16.68 22.10
CA GLY D 65 -15.31 15.56 21.46
C GLY D 65 -16.51 15.18 22.32
N HIS D 66 -17.55 14.61 21.69
CA HIS D 66 -18.76 14.21 22.42
C HIS D 66 -19.56 13.07 21.80
N GLY D 67 -19.88 12.07 22.61
CA GLY D 67 -20.69 10.95 22.14
C GLY D 67 -22.07 11.17 22.78
N PRO D 68 -23.01 11.85 22.09
CA PRO D 68 -24.36 12.15 22.58
C PRO D 68 -25.11 10.96 23.14
N SER D 69 -25.87 11.18 24.23
CA SER D 69 -26.67 10.09 24.79
C SER D 69 -27.99 10.07 23.99
N ALA D 70 -28.81 9.04 24.18
CA ALA D 70 -30.10 8.94 23.48
C ALA D 70 -31.00 10.17 23.73
N GLU D 71 -30.91 10.71 24.94
CA GLU D 71 -31.73 11.86 25.31
C GLU D 71 -31.24 13.13 24.62
N GLN D 72 -30.04 13.07 24.06
CA GLN D 72 -29.47 14.22 23.36
C GLN D 72 -29.52 14.04 21.82
N ASN D 73 -30.27 13.03 21.38
CA ASN D 73 -30.39 12.69 19.94
C ASN D 73 -31.12 13.76 19.12
N LEU D 74 -30.39 14.52 18.31
CA LEU D 74 -31.01 15.54 17.47
C LEU D 74 -31.82 14.98 16.29
N SER D 75 -31.64 13.70 15.98
CA SER D 75 -32.34 13.07 14.84
C SER D 75 -33.63 12.36 15.24
N SER D 76 -33.85 12.27 16.55
CA SER D 76 -35.02 11.63 17.13
C SER D 76 -36.43 12.02 16.64
N PRO D 77 -37.32 11.04 16.43
CA PRO D 77 -38.68 11.40 15.99
C PRO D 77 -39.50 11.98 17.17
N ASP D 78 -39.05 11.73 18.39
CA ASP D 78 -39.72 12.25 19.57
C ASP D 78 -39.35 13.72 19.68
N PRO D 79 -40.33 14.60 19.46
CA PRO D 79 -40.06 16.05 19.54
C PRO D 79 -39.51 16.52 20.90
N ASP D 80 -39.89 15.83 21.98
CA ASP D 80 -39.41 16.22 23.32
C ASP D 80 -37.93 15.98 23.41
N ILE D 81 -37.48 14.90 22.80
CA ILE D 81 -36.07 14.60 22.81
C ILE D 81 -35.32 15.64 21.95
N ARG D 82 -35.84 15.90 20.75
CA ARG D 82 -35.17 16.86 19.88
C ARG D 82 -35.06 18.23 20.56
N LYS D 83 -36.08 18.54 21.33
CA LYS D 83 -36.16 19.79 22.07
C LYS D 83 -35.05 19.81 23.14
N ASN D 84 -34.98 18.75 23.93
CA ASN D 84 -33.97 18.66 24.96
C ASN D 84 -32.56 18.72 24.39
N ALA D 85 -32.38 18.13 23.22
CA ALA D 85 -31.08 18.09 22.55
C ALA D 85 -30.64 19.49 22.14
N LYS D 86 -31.57 20.27 21.59
CA LYS D 86 -31.24 21.63 21.18
C LYS D 86 -30.80 22.42 22.42
N ALA D 87 -31.54 22.20 23.50
CA ALA D 87 -31.28 22.85 24.80
C ALA D 87 -29.87 22.48 25.28
N PHE D 88 -29.59 21.19 25.29
CA PHE D 88 -28.30 20.69 25.71
C PHE D 88 -27.14 21.31 24.93
N TYR D 89 -27.18 21.27 23.59
CA TYR D 89 -26.11 21.85 22.79
C TYR D 89 -26.02 23.37 22.86
N THR D 90 -27.15 24.07 22.90
CA THR D 90 -27.12 25.54 22.97
C THR D 90 -26.40 25.95 24.26
N ASP D 91 -26.60 25.18 25.33
CA ASP D 91 -25.91 25.51 26.56
C ASP D 91 -24.44 25.12 26.46
N LEU D 92 -24.18 23.88 26.02
CA LEU D 92 -22.82 23.37 25.87
C LEU D 92 -21.98 24.32 25.03
N LEU D 93 -22.57 24.85 23.97
CA LEU D 93 -21.91 25.77 23.09
C LEU D 93 -21.57 27.10 23.79
N LYS D 94 -22.51 27.59 24.61
CA LYS D 94 -22.30 28.83 25.35
C LYS D 94 -21.11 28.63 26.28
N ARG D 95 -21.04 27.47 26.92
CA ARG D 95 -19.95 27.15 27.81
C ARG D 95 -18.63 27.05 27.05
N LEU D 96 -18.66 26.36 25.91
CA LEU D 96 -17.47 26.22 25.07
C LEU D 96 -16.97 27.62 24.73
N TYR D 97 -17.88 28.53 24.44
CA TYR D 97 -17.47 29.89 24.11
C TYR D 97 -16.65 30.50 25.26
N LYS D 98 -17.12 30.30 26.49
CA LYS D 98 -16.46 30.81 27.68
C LYS D 98 -15.10 30.16 27.94
N LEU D 99 -14.92 28.95 27.42
CA LEU D 99 -13.67 28.24 27.59
C LEU D 99 -12.69 28.61 26.47
N ASP D 100 -13.19 29.37 25.49
CA ASP D 100 -12.48 29.73 24.25
C ASP D 100 -12.09 28.44 23.52
N VAL D 101 -13.09 27.61 23.27
CA VAL D 101 -12.94 26.37 22.54
C VAL D 101 -13.64 26.73 21.23
N HIS D 102 -13.01 26.45 20.10
CA HIS D 102 -13.61 26.79 18.82
C HIS D 102 -14.03 25.57 18.00
N LEU D 103 -14.01 24.41 18.61
CA LEU D 103 -14.34 23.18 17.91
C LEU D 103 -14.88 22.02 18.75
N ILE D 104 -15.93 21.39 18.24
CA ILE D 104 -16.50 20.21 18.88
C ILE D 104 -16.85 19.22 17.76
N GLY D 105 -16.63 17.93 18.00
CA GLY D 105 -16.95 16.92 17.03
C GLY D 105 -17.40 15.61 17.64
N GLY D 106 -17.85 14.69 16.79
CA GLY D 106 -18.33 13.39 17.21
C GLY D 106 -19.63 13.12 16.46
N ALA D 107 -20.40 12.09 16.83
CA ALA D 107 -21.67 11.83 16.11
C ALA D 107 -22.74 12.84 16.55
N LEU D 108 -22.41 14.12 16.41
CA LEU D 108 -23.28 15.19 16.85
C LEU D 108 -24.65 15.27 16.20
N TYR D 109 -24.82 14.55 15.11
CA TYR D 109 -26.09 14.53 14.36
C TYR D 109 -26.96 13.35 14.80
N SER D 110 -26.43 12.50 15.69
CA SER D 110 -27.16 11.31 16.16
C SER D 110 -26.89 11.12 17.69
N TYR D 111 -26.55 9.91 18.10
CA TYR D 111 -26.21 9.64 19.49
C TYR D 111 -25.23 8.49 19.41
N TRP D 112 -24.41 8.30 20.43
CA TRP D 112 -23.39 7.25 20.39
C TRP D 112 -23.12 6.76 21.80
N PRO D 113 -23.05 5.45 21.99
CA PRO D 113 -23.22 4.40 20.98
C PRO D 113 -24.71 4.23 20.69
N ILE D 114 -25.05 3.69 19.53
CA ILE D 114 -26.48 3.54 19.20
C ILE D 114 -26.97 2.16 19.59
N ASP D 115 -28.26 2.05 19.86
CA ASP D 115 -28.85 0.77 20.24
C ASP D 115 -29.38 0.16 18.96
N TYR D 116 -28.62 -0.78 18.39
CA TYR D 116 -29.05 -1.41 17.14
C TYR D 116 -30.11 -2.46 17.42
N THR D 117 -30.81 -2.25 18.53
CA THR D 117 -31.87 -3.14 18.94
C THR D 117 -33.15 -2.59 18.37
N LYS D 118 -33.26 -1.27 18.42
CA LYS D 118 -34.41 -0.59 17.91
C LYS D 118 -34.58 -0.76 16.40
N THR D 119 -35.67 -0.19 15.89
CA THR D 119 -35.99 -0.22 14.47
C THR D 119 -35.25 0.96 13.87
N ILE D 120 -34.43 0.76 12.86
CA ILE D 120 -33.77 1.94 12.35
C ILE D 120 -34.53 2.59 11.19
N ASP D 121 -34.73 3.89 11.30
CA ASP D 121 -35.40 4.69 10.30
C ASP D 121 -34.45 5.77 9.80
N LYS D 122 -33.54 5.34 8.94
CA LYS D 122 -32.51 6.19 8.35
C LYS D 122 -33.05 7.40 7.61
N LYS D 123 -34.01 7.19 6.73
CA LYS D 123 -34.56 8.29 5.97
C LYS D 123 -35.15 9.35 6.90
N GLY D 124 -36.02 8.92 7.82
CA GLY D 124 -36.60 9.87 8.75
C GLY D 124 -35.59 10.60 9.64
N ASP D 125 -34.71 9.82 10.29
CA ASP D 125 -33.70 10.39 11.19
C ASP D 125 -32.81 11.36 10.47
N TRP D 126 -32.48 11.03 9.23
CA TRP D 126 -31.63 11.89 8.45
C TRP D 126 -32.25 13.29 8.28
N GLU D 127 -33.52 13.34 7.86
CA GLU D 127 -34.19 14.60 7.67
C GLU D 127 -34.38 15.38 8.98
N ARG D 128 -34.76 14.68 10.04
CA ARG D 128 -34.90 15.37 11.31
C ARG D 128 -33.52 15.97 11.68
N SER D 129 -32.47 15.14 11.64
CA SER D 129 -31.14 15.58 11.99
C SER D 129 -30.64 16.77 11.18
N VAL D 130 -30.89 16.75 9.88
CA VAL D 130 -30.46 17.86 9.06
C VAL D 130 -31.08 19.15 9.58
N GLU D 131 -32.40 19.16 9.79
CA GLU D 131 -33.04 20.39 10.28
C GLU D 131 -32.59 20.81 11.66
N SER D 132 -32.48 19.84 12.57
CA SER D 132 -32.02 20.14 13.92
C SER D 132 -30.59 20.69 13.88
N VAL D 133 -29.71 20.07 13.12
CA VAL D 133 -28.33 20.54 13.11
C VAL D 133 -28.24 21.98 12.68
N ARG D 134 -28.91 22.29 11.57
CA ARG D 134 -28.94 23.63 11.02
C ARG D 134 -29.34 24.65 12.10
N GLU D 135 -30.32 24.30 12.91
CA GLU D 135 -30.75 25.19 13.99
C GLU D 135 -29.60 25.36 14.97
N VAL D 136 -29.07 24.24 15.46
CA VAL D 136 -27.99 24.30 16.42
C VAL D 136 -26.83 25.13 15.83
N ALA D 137 -26.66 25.07 14.52
CA ALA D 137 -25.59 25.78 13.82
C ALA D 137 -25.58 27.28 14.18
N LYS D 138 -26.77 27.86 14.23
CA LYS D 138 -26.92 29.26 14.59
C LYS D 138 -26.18 29.53 15.90
N VAL D 139 -26.49 28.73 16.90
CA VAL D 139 -25.86 28.86 18.20
C VAL D 139 -24.35 28.64 18.12
N ALA D 140 -23.92 27.79 17.21
CA ALA D 140 -22.49 27.55 17.08
C ALA D 140 -21.86 28.79 16.46
N GLU D 141 -22.48 29.33 15.43
CA GLU D 141 -21.90 30.51 14.80
C GLU D 141 -21.73 31.59 15.87
N ALA D 142 -22.80 31.85 16.61
CA ALA D 142 -22.75 32.85 17.67
C ALA D 142 -21.63 32.56 18.67
N CYS D 143 -21.48 31.32 19.08
CA CYS D 143 -20.43 30.97 20.05
C CYS D 143 -19.06 30.78 19.40
N GLY D 144 -18.97 31.08 18.10
CA GLY D 144 -17.72 30.93 17.37
C GLY D 144 -17.15 29.51 17.45
N VAL D 145 -18.03 28.52 17.31
CA VAL D 145 -17.62 27.13 17.39
C VAL D 145 -17.89 26.38 16.08
N ASP D 146 -16.96 25.50 15.70
CA ASP D 146 -17.15 24.70 14.49
C ASP D 146 -17.83 23.40 14.93
N PHE D 147 -19.01 23.15 14.38
CA PHE D 147 -19.79 21.95 14.72
C PHE D 147 -19.38 20.85 13.73
N CYS D 148 -18.49 19.97 14.19
CA CYS D 148 -17.95 18.90 13.36
C CYS D 148 -18.66 17.54 13.45
N LEU D 149 -19.19 17.11 12.30
CA LEU D 149 -19.93 15.86 12.15
C LEU D 149 -19.00 14.73 11.76
N GLU D 150 -18.73 13.86 12.71
CA GLU D 150 -17.83 12.76 12.42
C GLU D 150 -18.50 11.62 11.67
N VAL D 151 -17.87 11.20 10.58
CA VAL D 151 -18.30 10.08 9.76
C VAL D 151 -17.80 8.82 10.48
N LEU D 152 -18.71 7.87 10.76
CA LEU D 152 -18.39 6.65 11.50
C LEU D 152 -18.70 5.35 10.75
N ASN D 153 -18.07 4.24 11.16
CA ASN D 153 -18.30 2.97 10.51
C ASN D 153 -19.71 2.46 10.85
N ARG D 154 -20.20 1.58 10.00
CA ARG D 154 -21.55 1.02 10.14
C ARG D 154 -21.94 0.45 11.53
N PHE D 155 -20.96 -0.02 12.29
CA PHE D 155 -21.25 -0.62 13.59
C PHE D 155 -21.56 0.39 14.66
N GLU D 156 -21.15 1.63 14.41
CA GLU D 156 -21.35 2.65 15.41
C GLU D 156 -22.37 3.72 14.98
N ASN D 157 -22.84 3.70 13.75
CA ASN D 157 -23.78 4.73 13.34
C ASN D 157 -24.29 4.28 11.98
N TYR D 158 -25.53 4.65 11.62
CA TYR D 158 -26.11 4.25 10.37
C TYR D 158 -26.47 5.42 9.45
N LEU D 159 -26.30 6.66 9.93
CA LEU D 159 -26.64 7.84 9.09
C LEU D 159 -25.53 8.29 8.18
N ILE D 160 -24.32 8.38 8.73
CA ILE D 160 -23.17 8.81 7.94
C ILE D 160 -21.99 7.85 8.07
N ASN D 161 -21.68 7.14 6.99
CA ASN D 161 -20.62 6.13 7.00
C ASN D 161 -19.47 6.39 6.09
N THR D 162 -19.66 7.27 5.10
CA THR D 162 -18.58 7.59 4.18
C THR D 162 -18.47 9.11 4.06
N ALA D 163 -17.31 9.58 3.62
CA ALA D 163 -17.08 11.02 3.49
C ALA D 163 -18.08 11.59 2.49
N GLN D 164 -18.42 10.83 1.45
CA GLN D 164 -19.42 11.30 0.49
C GLN D 164 -20.73 11.54 1.22
N GLU D 165 -21.17 10.58 2.03
CA GLU D 165 -22.42 10.81 2.77
C GLU D 165 -22.28 12.01 3.71
N GLY D 166 -21.08 12.20 4.24
CA GLY D 166 -20.88 13.31 5.17
C GLY D 166 -21.02 14.64 4.49
N VAL D 167 -20.41 14.77 3.31
CA VAL D 167 -20.49 16.01 2.54
C VAL D 167 -21.97 16.27 2.13
N ASP D 168 -22.71 15.23 1.75
CA ASP D 168 -24.12 15.39 1.36
C ASP D 168 -24.93 15.96 2.53
N PHE D 169 -24.74 15.36 3.70
CA PHE D 169 -25.48 15.82 4.86
C PHE D 169 -25.12 17.29 5.13
N VAL D 170 -23.83 17.58 5.19
CA VAL D 170 -23.38 18.92 5.46
C VAL D 170 -23.86 19.91 4.40
N LYS D 171 -23.81 19.53 3.12
CA LYS D 171 -24.31 20.43 2.10
C LYS D 171 -25.81 20.67 2.25
N GLN D 172 -26.52 19.69 2.78
CA GLN D 172 -27.96 19.86 2.96
C GLN D 172 -28.23 20.80 4.11
N VAL D 173 -27.44 20.68 5.17
CA VAL D 173 -27.62 21.53 6.33
C VAL D 173 -27.48 22.95 5.85
N ASP D 174 -26.49 23.18 4.97
CA ASP D 174 -26.24 24.49 4.38
C ASP D 174 -26.00 25.54 5.47
N HIS D 175 -24.87 25.41 6.18
CA HIS D 175 -24.51 26.36 7.22
C HIS D 175 -23.01 26.38 7.49
N ASN D 176 -22.49 27.59 7.50
CA ASN D 176 -21.06 27.85 7.66
C ASN D 176 -20.29 27.24 8.83
N ASN D 177 -20.95 27.04 9.96
CA ASN D 177 -20.28 26.45 11.12
C ASN D 177 -20.42 24.91 11.25
N VAL D 178 -20.81 24.25 10.17
CA VAL D 178 -20.97 22.79 10.22
C VAL D 178 -19.96 22.21 9.26
N LYS D 179 -19.13 21.32 9.80
CA LYS D 179 -18.06 20.69 9.06
C LYS D 179 -18.19 19.17 9.07
N VAL D 180 -17.42 18.56 8.19
CA VAL D 180 -17.32 17.13 8.08
C VAL D 180 -16.06 16.83 8.89
N MET D 181 -16.08 15.69 9.55
CA MET D 181 -14.94 15.30 10.35
C MET D 181 -14.65 13.86 9.93
N LEU D 182 -13.37 13.54 9.69
CA LEU D 182 -12.98 12.21 9.27
C LEU D 182 -12.11 11.56 10.33
N ASP D 183 -12.06 10.23 10.33
CA ASP D 183 -11.30 9.52 11.34
C ASP D 183 -10.68 8.31 10.64
N THR D 184 -9.36 8.19 10.65
CA THR D 184 -8.69 7.09 9.96
C THR D 184 -9.19 5.71 10.39
N PHE D 185 -9.68 5.59 11.62
CA PHE D 185 -10.18 4.29 12.10
C PHE D 185 -11.44 3.90 11.32
N HIS D 186 -12.32 4.89 11.15
CA HIS D 186 -13.59 4.66 10.47
C HIS D 186 -13.47 4.62 8.93
N MET D 187 -12.62 5.47 8.35
CA MET D 187 -12.40 5.48 6.92
C MET D 187 -11.80 4.14 6.48
N ASN D 188 -10.96 3.55 7.34
CA ASN D 188 -10.31 2.29 7.04
C ASN D 188 -11.30 1.16 6.78
N ILE D 189 -12.44 1.23 7.44
CA ILE D 189 -13.51 0.26 7.28
C ILE D 189 -14.41 0.60 6.07
N GLU D 190 -14.99 1.79 6.00
CA GLU D 190 -15.95 2.10 4.95
C GLU D 190 -15.57 2.65 3.61
N GLU D 191 -14.35 3.17 3.46
CA GLU D 191 -13.99 3.83 2.22
C GLU D 191 -13.32 3.03 1.14
N ASP D 192 -13.66 3.35 -0.10
CA ASP D 192 -12.95 2.68 -1.19
C ASP D 192 -11.50 3.21 -1.17
N SER D 193 -11.37 4.53 -1.01
CA SER D 193 -10.08 5.22 -1.01
C SER D 193 -9.92 6.21 0.15
N ILE D 194 -8.78 6.12 0.85
CA ILE D 194 -8.53 6.99 1.99
C ILE D 194 -8.24 8.40 1.46
N GLY D 195 -7.29 8.50 0.53
CA GLY D 195 -6.94 9.79 -0.04
C GLY D 195 -8.16 10.33 -0.72
N GLY D 196 -8.91 9.44 -1.36
CA GLY D 196 -10.11 9.86 -2.05
C GLY D 196 -11.18 10.41 -1.14
N ALA D 197 -11.31 9.83 0.05
CA ALA D 197 -12.30 10.33 1.02
C ALA D 197 -11.94 11.74 1.47
N ILE D 198 -10.66 11.93 1.76
CA ILE D 198 -10.20 13.24 2.20
C ILE D 198 -10.47 14.29 1.10
N ARG D 199 -10.04 14.01 -0.14
CA ARG D 199 -10.27 14.93 -1.24
C ARG D 199 -11.77 15.16 -1.38
N THR D 200 -12.56 14.14 -1.13
CA THR D 200 -14.01 14.31 -1.27
C THR D 200 -14.52 15.29 -0.23
N ALA D 201 -13.98 15.21 0.99
CA ALA D 201 -14.38 16.12 2.05
C ALA D 201 -13.93 17.56 1.66
N GLY D 202 -12.72 17.66 1.13
CA GLY D 202 -12.18 18.96 0.70
C GLY D 202 -12.35 20.10 1.69
N SER D 203 -13.00 21.17 1.27
CA SER D 203 -13.16 22.29 2.18
C SER D 203 -14.14 22.08 3.32
N TYR D 204 -14.98 21.04 3.26
CA TYR D 204 -15.88 20.82 4.37
C TYR D 204 -15.16 20.10 5.52
N LEU D 205 -13.90 19.68 5.31
CA LEU D 205 -13.17 18.97 6.37
C LEU D 205 -12.73 19.91 7.48
N GLY D 206 -13.36 19.81 8.65
CA GLY D 206 -13.02 20.69 9.74
C GLY D 206 -12.21 20.05 10.86
N HIS D 207 -12.04 18.75 10.82
CA HIS D 207 -11.30 18.12 11.89
C HIS D 207 -10.95 16.70 11.46
N LEU D 208 -9.86 16.16 11.98
CA LEU D 208 -9.42 14.82 11.64
C LEU D 208 -8.89 14.06 12.84
N HIS D 209 -9.38 12.83 13.02
CA HIS D 209 -8.95 11.94 14.09
C HIS D 209 -8.03 10.90 13.48
N THR D 210 -7.02 10.45 14.24
CA THR D 210 -6.10 9.47 13.70
C THR D 210 -5.93 8.33 14.67
N GLY D 211 -5.47 7.21 14.13
CA GLY D 211 -5.27 6.00 14.89
C GLY D 211 -5.09 4.88 13.90
N GLU D 212 -4.42 3.81 14.33
CA GLU D 212 -4.21 2.65 13.46
C GLU D 212 -5.54 1.90 13.26
N CYS D 213 -5.53 0.89 12.39
CA CYS D 213 -6.72 0.13 12.10
C CYS D 213 -7.40 -0.42 13.35
N ASN D 214 -6.58 -0.87 14.30
CA ASN D 214 -7.12 -1.42 15.55
C ASN D 214 -7.06 -0.44 16.71
N ARG D 215 -6.81 0.82 16.36
CA ARG D 215 -6.77 1.92 17.30
C ARG D 215 -5.47 2.14 18.14
N LYS D 216 -4.34 1.59 17.70
CA LYS D 216 -3.09 1.87 18.41
C LYS D 216 -2.70 3.28 17.98
N VAL D 217 -1.65 3.81 18.59
CA VAL D 217 -1.19 5.15 18.22
C VAL D 217 -0.70 5.04 16.77
N PRO D 218 -0.78 6.15 16.00
CA PRO D 218 -0.35 6.15 14.61
C PRO D 218 1.12 5.72 14.45
N GLY D 219 1.44 5.11 13.31
CA GLY D 219 2.80 4.74 13.04
C GLY D 219 3.27 3.38 12.62
N ARG D 220 3.02 2.36 13.42
CA ARG D 220 3.52 1.01 13.10
C ARG D 220 2.47 0.05 12.58
N GLY D 221 1.30 0.58 12.22
CA GLY D 221 0.22 -0.26 11.69
C GLY D 221 0.10 -0.21 10.16
N ARG D 222 -1.14 -0.37 9.66
CA ARG D 222 -1.39 -0.38 8.23
C ARG D 222 -2.04 0.88 7.66
N ILE D 223 -2.39 1.87 8.45
CA ILE D 223 -3.00 3.07 7.88
C ILE D 223 -2.01 3.68 6.89
N PRO D 224 -2.49 4.19 5.73
CA PRO D 224 -1.63 4.82 4.71
C PRO D 224 -1.34 6.31 5.05
N TRP D 225 -0.51 6.54 6.08
CA TRP D 225 -0.18 7.91 6.54
C TRP D 225 0.31 8.85 5.45
N VAL D 226 1.20 8.38 4.57
CA VAL D 226 1.69 9.26 3.50
C VAL D 226 0.53 9.71 2.59
N GLU D 227 -0.25 8.76 2.09
CA GLU D 227 -1.42 9.05 1.25
C GLU D 227 -2.31 10.08 1.94
N ILE D 228 -2.44 9.95 3.27
CA ILE D 228 -3.24 10.89 4.04
C ILE D 228 -2.56 12.27 3.99
N GLY D 229 -1.27 12.29 4.35
CA GLY D 229 -0.57 13.55 4.30
C GLY D 229 -0.75 14.17 2.92
N GLU D 230 -0.53 13.40 1.86
CA GLU D 230 -0.65 13.98 0.53
C GLU D 230 -2.05 14.50 0.20
N ALA D 231 -3.08 13.77 0.63
CA ALA D 231 -4.43 14.21 0.35
C ALA D 231 -4.75 15.52 1.07
N LEU D 232 -4.30 15.63 2.32
CA LEU D 232 -4.56 16.81 3.16
C LEU D 232 -3.90 18.05 2.52
N ALA D 233 -2.76 17.82 1.86
CA ALA D 233 -2.06 18.86 1.14
C ALA D 233 -2.89 19.16 -0.11
N ASP D 234 -3.42 18.13 -0.75
CA ASP D 234 -4.25 18.38 -1.96
C ASP D 234 -5.40 19.29 -1.62
N ILE D 235 -5.94 19.19 -0.40
CA ILE D 235 -7.09 20.04 -0.08
C ILE D 235 -6.69 21.25 0.74
N GLY D 236 -5.38 21.41 0.96
CA GLY D 236 -4.89 22.54 1.75
C GLY D 236 -5.49 22.53 3.13
N TYR D 237 -5.55 21.35 3.77
CA TYR D 237 -6.15 21.26 5.08
C TYR D 237 -5.62 22.31 6.05
N ASN D 238 -6.59 23.09 6.56
CA ASN D 238 -6.41 24.21 7.47
C ASN D 238 -6.76 23.84 8.91
N GLY D 239 -6.69 22.56 9.28
CA GLY D 239 -7.08 22.23 10.63
C GLY D 239 -6.15 21.46 11.51
N SER D 240 -6.75 20.87 12.52
CA SER D 240 -6.05 20.11 13.53
C SER D 240 -6.15 18.60 13.26
N VAL D 241 -5.17 17.85 13.80
CA VAL D 241 -5.10 16.41 13.65
C VAL D 241 -4.96 15.85 15.03
N VAL D 242 -6.04 15.25 15.54
CA VAL D 242 -6.01 14.67 16.90
C VAL D 242 -5.98 13.13 16.92
N MET D 243 -4.94 12.56 17.55
CA MET D 243 -4.86 11.11 17.68
C MET D 243 -5.82 10.71 18.79
N GLU D 244 -6.42 9.54 18.62
CA GLU D 244 -7.43 9.04 19.53
C GLU D 244 -7.15 7.57 19.79
N PRO D 245 -5.98 7.25 20.34
CA PRO D 245 -5.71 5.83 20.57
C PRO D 245 -6.49 5.29 21.76
N PHE D 246 -6.84 4.00 21.67
CA PHE D 246 -7.58 3.32 22.70
C PHE D 246 -6.90 1.97 22.79
N VAL D 247 -6.09 1.76 23.81
CA VAL D 247 -5.38 0.51 23.90
C VAL D 247 -5.59 -0.23 25.21
N ARG D 248 -6.51 0.24 26.03
CA ARG D 248 -6.77 -0.41 27.31
C ARG D 248 -8.18 -0.94 27.53
N MET D 249 -8.26 -2.15 28.12
CA MET D 249 -9.54 -2.78 28.45
C MET D 249 -10.15 -2.06 29.65
N GLY D 250 -11.34 -2.49 30.08
CA GLY D 250 -11.98 -1.92 31.26
C GLY D 250 -12.73 -0.61 31.23
N GLY D 251 -13.75 -0.50 32.10
CA GLY D 251 -14.55 0.71 32.21
C GLY D 251 -15.49 1.02 31.06
N THR D 252 -16.16 2.16 31.12
CA THR D 252 -17.09 2.58 30.07
C THR D 252 -16.40 2.81 28.70
N VAL D 253 -15.17 3.31 28.75
CA VAL D 253 -14.40 3.53 27.53
C VAL D 253 -14.03 2.15 26.95
N GLY D 254 -13.48 1.26 27.78
CA GLY D 254 -13.12 -0.07 27.32
C GLY D 254 -14.32 -0.79 26.72
N SER D 255 -15.49 -0.54 27.31
CA SER D 255 -16.71 -1.14 26.82
C SER D 255 -17.27 -0.45 25.57
N ASN D 256 -17.40 0.87 25.61
CA ASN D 256 -17.91 1.61 24.46
C ASN D 256 -17.02 1.44 23.23
N ILE D 257 -15.69 1.41 23.42
CA ILE D 257 -14.75 1.28 22.32
C ILE D 257 -14.53 -0.18 21.96
N LYS D 258 -15.02 -1.07 22.81
CA LYS D 258 -14.95 -2.51 22.55
C LYS D 258 -13.54 -3.08 22.48
N VAL D 259 -12.78 -2.77 23.51
CA VAL D 259 -11.43 -3.23 23.64
C VAL D 259 -11.57 -4.48 24.51
N TRP D 260 -11.45 -5.66 23.91
CA TRP D 260 -11.63 -6.93 24.62
C TRP D 260 -10.34 -7.71 24.87
N ARG D 261 -9.21 -7.05 24.68
CA ARG D 261 -7.90 -7.63 24.86
C ARG D 261 -6.99 -6.47 25.24
N ASP D 262 -5.83 -6.77 25.82
CA ASP D 262 -4.93 -5.69 26.23
C ASP D 262 -4.01 -5.27 25.11
N ILE D 263 -4.54 -4.44 24.24
CA ILE D 263 -3.83 -3.95 23.07
C ILE D 263 -2.61 -3.13 23.48
N SER D 264 -2.57 -2.68 24.73
CA SER D 264 -1.44 -1.90 25.22
C SER D 264 -0.32 -2.82 25.61
N ASN D 265 -0.64 -4.11 25.75
CA ASN D 265 0.33 -5.11 26.16
C ASN D 265 1.13 -4.69 27.41
N GLY D 266 0.40 -4.39 28.49
CA GLY D 266 1.01 -4.05 29.75
C GLY D 266 1.53 -2.66 30.02
N ALA D 267 1.40 -1.76 29.06
CA ALA D 267 1.89 -0.41 29.26
C ALA D 267 1.43 0.32 30.53
N ASP D 268 2.38 0.92 31.26
CA ASP D 268 2.10 1.71 32.46
C ASP D 268 2.00 3.16 31.98
N GLU D 269 1.67 4.09 32.86
CA GLU D 269 1.50 5.45 32.40
C GLU D 269 2.68 6.06 31.64
N LYS D 270 3.90 5.73 32.06
CA LYS D 270 5.11 6.25 31.41
C LYS D 270 5.24 5.71 29.99
N MET D 271 5.03 4.40 29.85
CA MET D 271 5.10 3.73 28.57
C MET D 271 4.10 4.39 27.61
N LEU D 272 2.86 4.58 28.07
CA LEU D 272 1.87 5.20 27.22
C LEU D 272 2.35 6.58 26.81
N ASP D 273 2.95 7.30 27.76
CA ASP D 273 3.46 8.65 27.49
C ASP D 273 4.45 8.60 26.32
N ARG D 274 5.40 7.69 26.42
CA ARG D 274 6.43 7.55 25.41
C ARG D 274 5.84 7.22 24.03
N GLU D 275 4.99 6.19 23.98
CA GLU D 275 4.39 5.79 22.74
C GLU D 275 3.60 6.91 22.08
N ALA D 276 2.85 7.66 22.86
CA ALA D 276 2.09 8.77 22.30
C ALA D 276 3.07 9.83 21.77
N GLN D 277 4.17 10.04 22.49
CA GLN D 277 5.18 11.01 22.07
C GLN D 277 5.84 10.61 20.74
N ALA D 278 6.18 9.34 20.61
CA ALA D 278 6.78 8.86 19.36
C ALA D 278 5.76 9.05 18.21
N ALA D 279 4.48 8.77 18.49
CA ALA D 279 3.38 8.90 17.53
C ALA D 279 3.23 10.31 17.08
N LEU D 280 3.42 11.23 18.02
CA LEU D 280 3.33 12.65 17.70
C LEU D 280 4.41 13.01 16.70
N ASP D 281 5.66 12.65 17.00
CA ASP D 281 6.81 12.96 16.13
C ASP D 281 6.53 12.38 14.75
N PHE D 282 6.13 11.10 14.75
CA PHE D 282 5.82 10.40 13.51
C PHE D 282 4.83 11.23 12.72
N SER D 283 3.76 11.62 13.36
CA SER D 283 2.71 12.36 12.67
C SER D 283 3.11 13.69 12.08
N ARG D 284 3.81 14.52 12.85
CA ARG D 284 4.22 15.83 12.33
C ARG D 284 5.16 15.60 11.15
N TYR D 285 6.00 14.57 11.27
CA TYR D 285 6.95 14.28 10.23
C TYR D 285 6.29 13.83 8.94
N VAL D 286 5.51 12.77 9.03
CA VAL D 286 4.85 12.19 7.87
C VAL D 286 3.70 12.94 7.28
N LEU D 287 2.89 13.59 8.11
CA LEU D 287 1.73 14.28 7.58
C LEU D 287 1.90 15.70 7.08
N GLU D 288 2.97 16.38 7.51
CA GLU D 288 3.16 17.76 7.12
C GLU D 288 3.50 18.02 5.66
N CYS D 289 3.12 19.21 5.19
CA CYS D 289 3.30 19.61 3.79
C CYS D 289 3.20 18.48 2.78
N HIS D 290 4.14 18.45 1.84
CA HIS D 290 4.19 17.49 0.73
C HIS D 290 4.03 18.34 -0.52
C1 SDD E . -20.00 -11.81 9.44
O1 SDD E . -19.28 -10.66 9.90
C2 SDD E . -19.06 -12.95 9.03
O2 SDD E . -18.06 -12.76 8.34
C3 SDD E . -19.72 -14.33 9.01
O3 SDD E . -18.93 -15.16 8.15
C4 SDD E . -21.12 -14.17 8.42
O4 SDD E . -21.02 -13.39 7.22
C5 SDD E . -21.73 -15.54 8.14
O5 SDD E . -22.91 -15.40 7.34
C6 SDD E . -22.11 -16.21 9.46
O6 SDD E . -20.95 -16.42 10.27
MN MN F . -16.92 -13.96 7.17
MN MN G . -17.03 -0.34 -7.89
C1 SDD H . 11.52 2.11 -21.94
O1 SDD H . 11.88 2.14 -20.55
C2 SDD H . 10.07 2.57 -22.12
O2 SDD H . 9.24 2.52 -21.23
C3 SDD H . 9.64 2.82 -23.57
O3 SDD H . 8.22 2.78 -23.64
C4 SDD H . 10.24 1.70 -24.44
O4 SDD H . 9.92 0.45 -23.83
C5 SDD H . 9.70 1.78 -25.88
O5 SDD H . 10.02 0.59 -26.60
C6 SDD H . 10.35 2.96 -26.62
O6 SDD H . 9.68 4.18 -26.27
MN MN I . 7.09 2.72 -21.57
MN MN J . 5.89 13.77 -0.68
MN MN K . -13.43 1.99 -6.11
C1 SDD L . 24.25 3.23 -5.71
O1 SDD L . 23.17 2.93 -6.60
C2 SDD L . 24.25 2.28 -4.51
O2 SDD L . 23.23 2.05 -3.86
C3 SDD L . 25.62 2.10 -3.85
O3 SDD L . 25.44 1.74 -2.48
C4 SDD L . 26.37 3.43 -3.95
O4 SDD L . 25.52 4.50 -3.52
C5 SDD L . 27.63 3.38 -3.07
O5 SDD L . 28.02 4.72 -2.78
C6 SDD L . 28.75 2.65 -3.79
O6 SDD L . 28.33 1.36 -4.24
MN MN M . 23.02 1.69 -1.66
MN MN N . 9.45 16.18 0.88
C1 SDD O . -16.10 6.58 17.63
O1 SDD O . -15.44 5.33 17.38
C2 SDD O . -15.14 7.75 17.40
O2 SDD O . -14.16 7.69 16.66
C3 SDD O . -15.43 9.00 18.22
O3 SDD O . -14.52 10.05 17.86
C4 SDD O . -15.29 8.63 19.71
O4 SDD O . -14.01 8.01 19.92
C5 SDD O . -15.48 9.90 20.54
O5 SDD O . -15.19 9.66 21.92
C6 SDD O . -16.93 10.34 20.39
O6 SDD O . -17.01 11.74 20.67
MN MN P . -12.96 9.51 16.34
#